data_1IHI
#
_entry.id   1IHI
#
_cell.length_a   144.09
_cell.length_b   144.09
_cell.length_c   202.77
_cell.angle_alpha   90
_cell.angle_beta   90
_cell.angle_gamma   120
#
_symmetry.space_group_name_H-M   'H 3 2'
#
loop_
_entity.id
_entity.type
_entity.pdbx_description
1 polymer '3-ALPHA-HYDROXYSTEROID DEHYDROGENASE'
2 non-polymer 'NADP NICOTINAMIDE-ADENINE-DINUCLEOTIDE PHOSPHATE'
3 non-polymer 'ISO-URSODEOXYCHOLIC ACID'
#
_entity_poly.entity_id   1
_entity_poly.type   'polypeptide(L)'
_entity_poly.pdbx_seq_one_letter_code
;MDSKYQCVKLNDGHFMPVLGFGTYAPAEVPKSKALEAVKLAIEAGFHHIDSAHVYNNEEQVGLAIRSKIADGSVKREDIF
YTSKLWSNSHRPELVRPALERSLKNLQLDYVDLYLIHFPVSVKPGEEVIPKDENGKILFDTVDLCATWEAMEKCKDAGLA
KSIGVSNFNHRLLEMILNKPGLKYKPVCNQVECHPYFNQRKLLDFCKSKDIVLVAYSALGSHREEPWVDPNSPVLLEDPV
LCALAKKHKRTPALIALRYQLQRGVVVLAKSYNEQRIRQNVQVFEFQLTSEEMKAIDGLNRNVRYLTLDIFAGPPNYPFS
DEY
;
_entity_poly.pdbx_strand_id   A,B
#
# COMPACT_ATOMS: atom_id res chain seq x y z
N SER A 3 0.79 -5.07 15.87
CA SER A 3 1.11 -5.39 14.45
C SER A 3 1.03 -4.15 13.56
N LYS A 4 0.20 -4.24 12.50
CA LYS A 4 0.01 -3.17 11.53
C LYS A 4 1.18 -3.10 10.55
N TYR A 5 1.00 -3.72 9.39
CA TYR A 5 2.01 -3.76 8.35
C TYR A 5 1.33 -3.49 7.02
N GLN A 6 2.10 -3.09 6.01
CA GLN A 6 1.50 -2.83 4.70
C GLN A 6 1.08 -4.07 3.94
N CYS A 7 -0.20 -4.15 3.59
CA CYS A 7 -0.75 -5.27 2.84
C CYS A 7 -1.47 -4.74 1.60
N VAL A 8 -1.83 -5.66 0.71
CA VAL A 8 -2.56 -5.30 -0.50
C VAL A 8 -3.75 -6.26 -0.59
N LYS A 9 -4.90 -5.78 -1.03
CA LYS A 9 -6.06 -6.66 -1.14
C LYS A 9 -6.00 -7.53 -2.39
N LEU A 10 -5.88 -8.83 -2.20
CA LEU A 10 -5.84 -9.77 -3.31
C LEU A 10 -7.24 -9.90 -3.94
N ASN A 11 -7.30 -10.26 -5.22
CA ASN A 11 -8.58 -10.38 -5.90
C ASN A 11 -9.55 -11.40 -5.29
N ASP A 12 -9.13 -12.11 -4.25
CA ASP A 12 -10.01 -13.09 -3.64
C ASP A 12 -10.42 -12.66 -2.24
N GLY A 13 -10.23 -11.38 -1.94
CA GLY A 13 -10.62 -10.85 -0.64
C GLY A 13 -9.54 -10.89 0.42
N HIS A 14 -8.56 -11.76 0.25
CA HIS A 14 -7.47 -11.86 1.22
C HIS A 14 -6.46 -10.71 1.13
N PHE A 15 -5.57 -10.64 2.10
CA PHE A 15 -4.57 -9.57 2.14
C PHE A 15 -3.16 -10.12 2.19
N MET A 16 -2.29 -9.55 1.37
CA MET A 16 -0.91 -10.00 1.29
C MET A 16 0.00 -8.86 1.66
N PRO A 17 1.01 -9.12 2.52
CA PRO A 17 1.95 -8.07 2.91
C PRO A 17 2.80 -7.76 1.69
N VAL A 18 3.12 -6.48 1.47
CA VAL A 18 3.88 -6.06 0.30
C VAL A 18 5.38 -6.40 0.29
N LEU A 19 5.93 -6.72 1.45
CA LEU A 19 7.33 -7.10 1.56
C LEU A 19 7.42 -8.55 2.01
N GLY A 20 7.86 -9.44 1.12
CA GLY A 20 7.96 -10.85 1.45
C GLY A 20 9.40 -11.33 1.61
N PHE A 21 9.61 -12.28 2.50
CA PHE A 21 10.94 -12.79 2.76
C PHE A 21 11.20 -14.14 2.08
N GLY A 22 12.16 -14.15 1.15
CA GLY A 22 12.53 -15.36 0.44
C GLY A 22 13.40 -16.26 1.28
N THR A 23 13.18 -17.57 1.18
CA THR A 23 13.94 -18.50 2.00
C THR A 23 14.84 -19.50 1.30
N TYR A 24 14.95 -19.44 -0.02
CA TYR A 24 15.81 -20.39 -0.72
C TYR A 24 17.29 -20.06 -0.58
N ALA A 25 18.11 -21.10 -0.61
CA ALA A 25 19.56 -20.93 -0.51
C ALA A 25 20.22 -22.17 -1.10
N PRO A 26 21.45 -22.04 -1.58
CA PRO A 26 22.18 -23.16 -2.18
C PRO A 26 22.43 -24.28 -1.16
N ALA A 27 22.56 -25.51 -1.65
CA ALA A 27 22.80 -26.65 -0.76
C ALA A 27 24.09 -26.49 0.05
N GLU A 28 25.02 -25.69 -0.50
CA GLU A 28 26.28 -25.44 0.18
C GLU A 28 25.99 -24.85 1.56
N VAL A 29 24.77 -24.40 1.75
CA VAL A 29 24.37 -23.82 3.02
C VAL A 29 23.53 -24.84 3.77
N PRO A 30 23.83 -25.02 5.07
CA PRO A 30 23.06 -25.99 5.86
C PRO A 30 21.64 -25.48 6.06
N LYS A 31 20.68 -26.39 6.16
CA LYS A 31 19.28 -26.01 6.36
C LYS A 31 19.05 -25.29 7.69
N SER A 32 19.84 -25.62 8.71
CA SER A 32 19.68 -24.97 10.00
C SER A 32 19.60 -23.45 9.78
N LYS A 33 20.46 -22.95 8.91
CA LYS A 33 20.51 -21.54 8.61
C LYS A 33 19.13 -20.98 8.22
N ALA A 34 18.31 -21.79 7.57
CA ALA A 34 16.99 -21.33 7.15
C ALA A 34 16.10 -21.09 8.37
N LEU A 35 16.23 -21.95 9.38
CA LEU A 35 15.43 -21.81 10.58
C LEU A 35 15.80 -20.53 11.31
N GLU A 36 17.09 -20.33 11.56
CA GLU A 36 17.51 -19.13 12.26
C GLU A 36 17.20 -17.87 11.48
N ALA A 37 17.32 -17.94 10.16
CA ALA A 37 17.07 -16.76 9.33
C ALA A 37 15.62 -16.31 9.40
N VAL A 38 14.68 -17.24 9.25
CA VAL A 38 13.26 -16.90 9.29
C VAL A 38 12.91 -16.21 10.61
N LYS A 39 13.40 -16.75 11.72
CA LYS A 39 13.12 -16.13 13.01
C LYS A 39 13.53 -14.66 12.96
N LEU A 40 14.76 -14.42 12.51
CA LEU A 40 15.28 -13.06 12.40
C LEU A 40 14.40 -12.18 11.52
N ALA A 41 13.82 -12.78 10.47
CA ALA A 41 12.93 -12.06 9.57
C ALA A 41 11.64 -11.69 10.30
N ILE A 42 11.00 -12.67 10.95
CA ILE A 42 9.77 -12.39 11.69
C ILE A 42 10.04 -11.17 12.58
N GLU A 43 11.05 -11.28 13.44
CA GLU A 43 11.47 -10.21 14.35
C GLU A 43 11.64 -8.85 13.67
N ALA A 44 12.36 -8.85 12.55
CA ALA A 44 12.64 -7.63 11.80
C ALA A 44 11.40 -6.90 11.30
N GLY A 45 10.32 -7.64 11.06
CA GLY A 45 9.09 -7.01 10.58
C GLY A 45 8.43 -7.75 9.43
N PHE A 46 9.14 -8.71 8.86
CA PHE A 46 8.58 -9.50 7.77
C PHE A 46 7.36 -10.28 8.23
N HIS A 47 6.24 -10.10 7.56
CA HIS A 47 5.03 -10.83 7.92
C HIS A 47 4.66 -11.77 6.77
N HIS A 48 5.44 -11.74 5.70
CA HIS A 48 5.20 -12.55 4.52
C HIS A 48 6.44 -13.42 4.29
N ILE A 49 6.23 -14.73 4.24
CA ILE A 49 7.34 -15.64 4.03
C ILE A 49 7.08 -16.49 2.79
N ASP A 50 8.08 -16.54 1.92
CA ASP A 50 7.97 -17.29 0.68
C ASP A 50 8.92 -18.48 0.66
N SER A 51 8.36 -19.67 0.46
CA SER A 51 9.15 -20.88 0.41
C SER A 51 8.57 -21.78 -0.66
N ALA A 52 8.99 -23.03 -0.66
CA ALA A 52 8.52 -24.00 -1.64
C ALA A 52 8.89 -25.41 -1.27
N HIS A 53 8.36 -26.37 -2.02
CA HIS A 53 8.69 -27.75 -1.75
C HIS A 53 10.11 -28.00 -2.26
N VAL A 54 10.37 -27.58 -3.50
CA VAL A 54 11.70 -27.73 -4.12
C VAL A 54 12.80 -27.06 -3.32
N TYR A 55 12.44 -26.13 -2.45
CA TYR A 55 13.46 -25.47 -1.65
C TYR A 55 13.99 -26.41 -0.60
N ASN A 56 13.25 -27.50 -0.39
CA ASN A 56 13.66 -28.50 0.56
C ASN A 56 14.06 -27.80 1.87
N ASN A 57 13.19 -26.95 2.38
CA ASN A 57 13.48 -26.24 3.63
C ASN A 57 12.23 -25.94 4.42
N GLU A 58 11.09 -26.47 3.96
CA GLU A 58 9.83 -26.24 4.66
C GLU A 58 9.85 -26.74 6.10
N GLU A 59 10.65 -27.77 6.37
CA GLU A 59 10.74 -28.31 7.72
C GLU A 59 11.25 -27.23 8.67
N GLN A 60 12.37 -26.62 8.29
CA GLN A 60 12.98 -25.54 9.08
C GLN A 60 12.10 -24.30 9.09
N VAL A 61 11.74 -23.82 7.89
CA VAL A 61 10.91 -22.64 7.75
C VAL A 61 9.62 -22.73 8.57
N GLY A 62 8.99 -23.91 8.59
CA GLY A 62 7.77 -24.09 9.35
C GLY A 62 8.10 -24.02 10.83
N LEU A 63 9.07 -24.83 11.24
CA LEU A 63 9.55 -24.90 12.61
C LEU A 63 9.81 -23.49 13.15
N ALA A 64 10.29 -22.63 12.27
CA ALA A 64 10.56 -21.26 12.64
C ALA A 64 9.25 -20.55 12.91
N ILE A 65 8.45 -20.35 11.87
CA ILE A 65 7.21 -19.63 12.04
C ILE A 65 6.38 -20.25 13.16
N ARG A 66 6.48 -21.54 13.33
CA ARG A 66 5.71 -22.19 14.40
C ARG A 66 6.30 -21.81 15.75
N SER A 67 7.62 -21.70 15.79
CA SER A 67 8.33 -21.32 17.02
C SER A 67 8.02 -19.88 17.46
N LYS A 68 7.81 -18.98 16.50
CA LYS A 68 7.51 -17.58 16.81
C LYS A 68 6.04 -17.35 17.20
N ILE A 69 5.20 -18.35 16.95
CA ILE A 69 3.80 -18.25 17.31
C ILE A 69 3.74 -18.75 18.76
N ALA A 70 4.47 -19.82 19.03
CA ALA A 70 4.54 -20.37 20.37
C ALA A 70 5.16 -19.31 21.29
N ASP A 71 6.15 -18.59 20.75
CA ASP A 71 6.83 -17.51 21.46
C ASP A 71 5.82 -16.52 22.04
N GLY A 72 4.88 -16.11 21.19
CA GLY A 72 3.88 -15.14 21.55
C GLY A 72 4.34 -13.88 20.80
N SER A 73 5.31 -14.09 19.92
CA SER A 73 5.91 -13.04 19.12
C SER A 73 5.00 -12.65 17.97
N VAL A 74 4.21 -13.60 17.50
CA VAL A 74 3.29 -13.37 16.39
C VAL A 74 2.14 -14.35 16.43
N LYS A 75 1.06 -13.99 15.74
CA LYS A 75 -0.11 -14.85 15.65
C LYS A 75 -0.16 -15.35 14.21
N ARG A 76 -0.70 -16.55 14.00
CA ARG A 76 -0.77 -17.12 12.65
C ARG A 76 -1.40 -16.18 11.61
N GLU A 77 -2.36 -15.39 12.05
CA GLU A 77 -3.04 -14.46 11.17
C GLU A 77 -2.17 -13.26 10.81
N ASP A 78 -0.93 -13.26 11.29
CA ASP A 78 0.00 -12.19 10.98
C ASP A 78 1.20 -12.71 10.21
N ILE A 79 1.16 -14.00 9.91
CA ILE A 79 2.21 -14.63 9.12
C ILE A 79 1.54 -15.06 7.83
N PHE A 80 2.03 -14.54 6.70
CA PHE A 80 1.50 -14.88 5.38
C PHE A 80 2.51 -15.79 4.70
N TYR A 81 2.30 -17.10 4.87
CA TYR A 81 3.20 -18.09 4.30
C TYR A 81 2.79 -18.62 2.95
N THR A 82 3.72 -18.58 2.01
CA THR A 82 3.52 -19.06 0.65
C THR A 82 4.29 -20.33 0.38
N SER A 83 3.64 -21.27 -0.32
CA SER A 83 4.30 -22.49 -0.72
C SER A 83 3.99 -22.64 -2.20
N LYS A 84 4.72 -23.51 -2.89
CA LYS A 84 4.46 -23.67 -4.30
C LYS A 84 4.42 -25.13 -4.69
N LEU A 85 3.48 -25.48 -5.58
CA LEU A 85 3.33 -26.85 -6.08
C LEU A 85 4.43 -27.11 -7.08
N TRP A 86 5.18 -28.20 -6.93
CA TRP A 86 6.27 -28.48 -7.87
C TRP A 86 5.85 -29.30 -9.09
N SER A 87 6.49 -28.98 -10.20
CA SER A 87 6.22 -29.63 -11.47
C SER A 87 6.13 -31.16 -11.54
N ASN A 88 6.46 -31.88 -10.48
CA ASN A 88 6.35 -33.32 -10.56
C ASN A 88 5.02 -33.76 -9.97
N SER A 89 4.10 -32.81 -9.83
CA SER A 89 2.79 -33.08 -9.27
C SER A 89 1.69 -32.25 -9.91
N HIS A 90 1.86 -31.85 -11.16
CA HIS A 90 0.83 -31.06 -11.84
C HIS A 90 -0.44 -31.88 -12.08
N ARG A 91 -0.29 -33.19 -12.25
CA ARG A 91 -1.45 -34.04 -12.49
C ARG A 91 -2.48 -33.86 -11.39
N PRO A 92 -3.75 -33.65 -11.78
CA PRO A 92 -4.87 -33.45 -10.87
C PRO A 92 -4.83 -34.22 -9.54
N GLU A 93 -4.84 -35.54 -9.58
CA GLU A 93 -4.84 -36.33 -8.36
C GLU A 93 -3.55 -36.19 -7.57
N LEU A 94 -2.69 -35.28 -7.98
CA LEU A 94 -1.43 -35.13 -7.28
C LEU A 94 -1.22 -33.82 -6.57
N VAL A 95 -2.11 -32.86 -6.80
CA VAL A 95 -2.00 -31.56 -6.17
C VAL A 95 -2.24 -31.67 -4.67
N ARG A 96 -3.50 -31.80 -4.26
CA ARG A 96 -3.82 -31.88 -2.85
C ARG A 96 -2.80 -32.73 -2.06
N PRO A 97 -2.46 -33.93 -2.56
CA PRO A 97 -1.49 -34.69 -1.76
C PRO A 97 -0.18 -33.93 -1.58
N ALA A 98 0.24 -33.20 -2.63
CA ALA A 98 1.48 -32.43 -2.57
C ALA A 98 1.41 -31.33 -1.50
N LEU A 99 0.31 -30.58 -1.53
CA LEU A 99 0.09 -29.51 -0.59
C LEU A 99 0.00 -30.10 0.81
N GLU A 100 -0.62 -31.28 0.93
CA GLU A 100 -0.75 -31.92 2.23
C GLU A 100 0.60 -32.36 2.74
N ARG A 101 1.47 -32.79 1.83
CA ARG A 101 2.81 -33.22 2.21
C ARG A 101 3.59 -32.05 2.78
N SER A 102 3.46 -30.90 2.13
CA SER A 102 4.13 -29.69 2.59
C SER A 102 3.61 -29.34 3.96
N LEU A 103 2.28 -29.22 4.05
CA LEU A 103 1.64 -28.87 5.30
C LEU A 103 2.19 -29.78 6.39
N LYS A 104 2.39 -31.05 6.07
CA LYS A 104 2.88 -31.97 7.07
C LYS A 104 4.30 -31.63 7.50
N ASN A 105 5.14 -31.22 6.55
CA ASN A 105 6.51 -30.89 6.88
C ASN A 105 6.62 -29.55 7.58
N LEU A 106 5.63 -28.69 7.34
CA LEU A 106 5.59 -27.37 7.94
C LEU A 106 4.98 -27.43 9.33
N GLN A 107 4.01 -28.32 9.50
CA GLN A 107 3.29 -28.45 10.77
C GLN A 107 2.38 -27.24 10.92
N LEU A 108 1.67 -26.93 9.85
CA LEU A 108 0.71 -25.83 9.78
C LEU A 108 -0.58 -26.42 9.21
N ASP A 109 -1.71 -25.77 9.45
CA ASP A 109 -2.96 -26.33 8.98
C ASP A 109 -3.41 -25.81 7.64
N TYR A 110 -2.63 -24.91 7.06
CA TYR A 110 -2.97 -24.34 5.77
C TYR A 110 -1.89 -23.36 5.37
N VAL A 111 -1.86 -23.01 4.09
CA VAL A 111 -0.90 -22.03 3.59
C VAL A 111 -1.77 -20.84 3.26
N ASP A 112 -1.23 -19.63 3.37
CA ASP A 112 -1.99 -18.44 3.05
C ASP A 112 -2.08 -18.27 1.54
N LEU A 113 -1.05 -18.78 0.86
CA LEU A 113 -0.94 -18.74 -0.59
C LEU A 113 -0.28 -20.01 -1.14
N TYR A 114 -0.84 -20.56 -2.20
CA TYR A 114 -0.27 -21.76 -2.83
C TYR A 114 -0.18 -21.50 -4.32
N LEU A 115 0.97 -21.77 -4.90
CA LEU A 115 1.19 -21.49 -6.32
C LEU A 115 1.54 -22.70 -7.17
N ILE A 116 1.48 -22.50 -8.48
CA ILE A 116 1.88 -23.53 -9.44
C ILE A 116 3.27 -22.97 -9.74
N HIS A 117 4.29 -23.61 -9.19
CA HIS A 117 5.66 -23.13 -9.31
C HIS A 117 6.18 -22.83 -10.71
N PHE A 118 6.06 -23.81 -11.60
CA PHE A 118 6.52 -23.66 -12.97
C PHE A 118 5.58 -24.39 -13.94
N PRO A 119 5.22 -23.74 -15.06
CA PRO A 119 4.31 -24.24 -16.09
C PRO A 119 4.60 -25.59 -16.76
N VAL A 120 5.87 -25.93 -16.93
CA VAL A 120 6.22 -27.20 -17.57
C VAL A 120 6.26 -28.34 -16.57
N SER A 121 5.59 -29.43 -16.92
CA SER A 121 5.50 -30.59 -16.05
C SER A 121 6.64 -31.59 -16.21
N VAL A 122 6.86 -32.38 -15.18
CA VAL A 122 7.90 -33.42 -15.18
C VAL A 122 7.23 -34.69 -14.64
N LYS A 123 7.86 -35.85 -14.83
CA LYS A 123 7.31 -37.13 -14.35
C LYS A 123 7.11 -37.18 -12.83
N PRO A 124 5.95 -37.71 -12.38
CA PRO A 124 5.69 -37.80 -10.93
C PRO A 124 6.69 -38.75 -10.29
N GLY A 125 6.96 -38.50 -9.01
CA GLY A 125 7.91 -39.33 -8.29
C GLY A 125 8.79 -38.48 -7.40
N GLU A 126 9.57 -39.11 -6.54
CA GLU A 126 10.45 -38.36 -5.65
C GLU A 126 11.40 -37.39 -6.38
N GLU A 127 12.22 -37.89 -7.30
CA GLU A 127 13.14 -37.03 -8.03
C GLU A 127 12.41 -35.75 -8.43
N VAL A 128 12.86 -34.61 -7.92
CA VAL A 128 12.25 -33.32 -8.23
C VAL A 128 12.50 -32.93 -9.69
N ILE A 129 13.61 -33.42 -10.25
CA ILE A 129 13.95 -33.16 -11.63
C ILE A 129 14.45 -34.49 -12.20
N PRO A 130 13.51 -35.38 -12.56
CA PRO A 130 13.70 -36.73 -13.12
C PRO A 130 14.61 -36.75 -14.33
N LYS A 131 15.34 -37.84 -14.52
CA LYS A 131 16.21 -37.92 -15.68
C LYS A 131 16.31 -39.30 -16.33
N ASP A 132 16.43 -39.30 -17.66
CA ASP A 132 16.57 -40.50 -18.46
C ASP A 132 17.94 -41.04 -18.15
N GLU A 133 18.19 -42.30 -18.45
CA GLU A 133 19.51 -42.84 -18.22
C GLU A 133 20.52 -42.09 -19.11
N ASN A 134 20.04 -41.08 -19.83
CA ASN A 134 20.92 -40.31 -20.72
C ASN A 134 20.90 -38.82 -20.39
N GLY A 135 20.72 -38.52 -19.12
CA GLY A 135 20.70 -37.14 -18.65
C GLY A 135 19.51 -36.31 -19.09
N LYS A 136 18.63 -36.94 -19.86
CA LYS A 136 17.46 -36.26 -20.40
C LYS A 136 16.43 -35.94 -19.33
N ILE A 137 15.89 -34.72 -19.33
CA ILE A 137 14.87 -34.40 -18.35
C ILE A 137 13.59 -35.11 -18.82
N LEU A 138 12.93 -35.83 -17.92
CA LEU A 138 11.71 -36.55 -18.24
C LEU A 138 10.46 -35.68 -18.09
N PHE A 139 10.12 -34.94 -19.13
CA PHE A 139 8.94 -34.08 -19.05
C PHE A 139 7.69 -34.92 -19.04
N ASP A 140 6.57 -34.27 -18.79
CA ASP A 140 5.28 -34.94 -18.73
C ASP A 140 4.31 -33.92 -19.30
N THR A 141 3.12 -34.35 -19.70
CA THR A 141 2.16 -33.40 -20.26
C THR A 141 0.87 -33.45 -19.43
N VAL A 142 0.48 -32.29 -18.92
CA VAL A 142 -0.71 -32.17 -18.10
C VAL A 142 -1.44 -30.89 -18.46
N ASP A 143 -2.75 -30.97 -18.51
CA ASP A 143 -3.56 -29.81 -18.82
C ASP A 143 -3.42 -28.95 -17.57
N LEU A 144 -2.72 -27.83 -17.67
CA LEU A 144 -2.54 -27.00 -16.48
C LEU A 144 -3.91 -26.57 -15.95
N CYS A 145 -4.90 -26.46 -16.84
CA CYS A 145 -6.23 -26.10 -16.40
C CYS A 145 -6.78 -27.20 -15.47
N ALA A 146 -6.33 -28.44 -15.67
CA ALA A 146 -6.78 -29.53 -14.82
C ALA A 146 -6.03 -29.36 -13.51
N THR A 147 -4.77 -28.95 -13.63
CA THR A 147 -3.94 -28.72 -12.46
C THR A 147 -4.61 -27.64 -11.66
N TRP A 148 -4.94 -26.54 -12.32
CA TRP A 148 -5.58 -25.41 -11.67
C TRP A 148 -6.92 -25.74 -11.07
N GLU A 149 -7.55 -26.80 -11.56
CA GLU A 149 -8.85 -27.17 -11.01
C GLU A 149 -8.65 -27.83 -9.66
N ALA A 150 -7.54 -28.54 -9.51
CA ALA A 150 -7.23 -29.20 -8.25
C ALA A 150 -6.80 -28.17 -7.22
N MET A 151 -6.18 -27.08 -7.70
CA MET A 151 -5.72 -26.00 -6.85
C MET A 151 -6.96 -25.34 -6.26
N GLU A 152 -7.97 -25.17 -7.10
CA GLU A 152 -9.24 -24.57 -6.68
C GLU A 152 -9.88 -25.42 -5.60
N LYS A 153 -9.82 -26.75 -5.76
CA LYS A 153 -10.41 -27.62 -4.75
C LYS A 153 -9.63 -27.54 -3.44
N CYS A 154 -8.35 -27.19 -3.52
CA CYS A 154 -7.54 -27.05 -2.32
C CYS A 154 -7.98 -25.79 -1.60
N LYS A 155 -8.18 -24.72 -2.38
CA LYS A 155 -8.62 -23.44 -1.83
C LYS A 155 -9.94 -23.66 -1.13
N ASP A 156 -10.81 -24.46 -1.74
CA ASP A 156 -12.10 -24.73 -1.14
C ASP A 156 -11.99 -25.61 0.11
N ALA A 157 -11.09 -26.59 0.07
CA ALA A 157 -10.92 -27.47 1.23
C ALA A 157 -10.35 -26.72 2.43
N GLY A 158 -9.98 -25.45 2.21
CA GLY A 158 -9.43 -24.63 3.29
C GLY A 158 -7.96 -24.88 3.59
N LEU A 159 -7.32 -25.70 2.76
CA LEU A 159 -5.91 -26.02 2.92
C LEU A 159 -5.06 -24.87 2.37
N ALA A 160 -5.64 -24.08 1.48
CA ALA A 160 -4.94 -22.95 0.89
C ALA A 160 -5.89 -21.76 0.92
N LYS A 161 -5.46 -20.65 1.48
CA LYS A 161 -6.31 -19.49 1.59
C LYS A 161 -6.44 -18.81 0.24
N SER A 162 -5.33 -18.74 -0.48
CA SER A 162 -5.28 -18.13 -1.81
C SER A 162 -4.36 -18.93 -2.73
N ILE A 163 -4.78 -19.06 -3.99
CA ILE A 163 -4.00 -19.78 -4.99
C ILE A 163 -3.52 -18.81 -6.04
N GLY A 164 -2.45 -19.17 -6.74
CA GLY A 164 -1.91 -18.29 -7.76
C GLY A 164 -0.83 -18.99 -8.56
N VAL A 165 -0.23 -18.27 -9.51
CA VAL A 165 0.81 -18.85 -10.34
C VAL A 165 2.18 -18.14 -10.26
N SER A 166 3.18 -18.79 -10.82
CA SER A 166 4.54 -18.29 -10.82
C SER A 166 5.18 -18.69 -12.15
N ASN A 167 5.96 -17.81 -12.75
CA ASN A 167 6.62 -18.10 -14.02
C ASN A 167 5.64 -18.35 -15.15
N PHE A 168 4.45 -17.75 -15.03
CA PHE A 168 3.44 -17.83 -16.08
C PHE A 168 3.62 -16.59 -16.95
N ASN A 169 3.47 -16.77 -18.26
CA ASN A 169 3.60 -15.63 -19.16
C ASN A 169 2.20 -15.24 -19.61
N HIS A 170 2.11 -14.20 -20.44
CA HIS A 170 0.82 -13.72 -20.91
C HIS A 170 -0.13 -14.82 -21.42
N ARG A 171 0.36 -15.64 -22.37
CA ARG A 171 -0.46 -16.71 -22.92
C ARG A 171 -0.97 -17.66 -21.83
N LEU A 172 -0.07 -18.12 -20.99
CA LEU A 172 -0.44 -19.03 -19.91
C LEU A 172 -1.44 -18.40 -18.95
N LEU A 173 -1.16 -17.16 -18.55
CA LEU A 173 -2.03 -16.44 -17.64
C LEU A 173 -3.44 -16.39 -18.22
N GLU A 174 -3.51 -16.08 -19.51
CA GLU A 174 -4.79 -15.98 -20.21
C GLU A 174 -5.52 -17.33 -20.18
N MET A 175 -4.77 -18.40 -20.47
CA MET A 175 -5.34 -19.73 -20.47
C MET A 175 -6.15 -19.95 -19.22
N ILE A 176 -5.53 -19.76 -18.05
CA ILE A 176 -6.27 -19.96 -16.81
C ILE A 176 -7.45 -18.99 -16.73
N LEU A 177 -7.20 -17.72 -17.03
CA LEU A 177 -8.25 -16.72 -16.97
C LEU A 177 -9.51 -17.08 -17.77
N ASN A 178 -9.32 -17.55 -19.00
CA ASN A 178 -10.43 -17.92 -19.89
C ASN A 178 -10.84 -19.37 -19.78
N LYS A 179 -10.47 -20.05 -18.70
CA LYS A 179 -10.84 -21.44 -18.56
C LYS A 179 -12.32 -21.62 -18.33
N PRO A 180 -12.93 -22.59 -18.99
CA PRO A 180 -14.36 -22.85 -18.84
C PRO A 180 -14.67 -23.23 -17.39
N GLY A 181 -15.55 -22.49 -16.75
CA GLY A 181 -15.90 -22.80 -15.38
C GLY A 181 -14.85 -22.45 -14.36
N LEU A 182 -14.04 -21.44 -14.66
CA LEU A 182 -13.00 -21.02 -13.75
C LEU A 182 -13.71 -20.63 -12.46
N LYS A 183 -13.18 -21.03 -11.32
CA LYS A 183 -13.81 -20.66 -10.06
C LYS A 183 -13.00 -19.58 -9.34
N TYR A 184 -11.68 -19.62 -9.52
CA TYR A 184 -10.79 -18.63 -8.89
C TYR A 184 -9.65 -18.23 -9.81
N LYS A 185 -9.63 -16.96 -10.21
CA LYS A 185 -8.54 -16.49 -11.05
C LYS A 185 -7.33 -16.42 -10.13
N PRO A 186 -6.14 -16.73 -10.65
CA PRO A 186 -4.93 -16.68 -9.83
C PRO A 186 -4.82 -15.33 -9.14
N VAL A 187 -4.54 -15.39 -7.83
CA VAL A 187 -4.43 -14.17 -7.04
C VAL A 187 -3.16 -13.38 -7.34
N CYS A 188 -2.17 -14.05 -7.92
CA CYS A 188 -0.90 -13.41 -8.25
C CYS A 188 -0.05 -14.25 -9.18
N ASN A 189 0.98 -13.61 -9.72
CA ASN A 189 1.91 -14.24 -10.62
C ASN A 189 3.31 -13.78 -10.19
N GLN A 190 4.02 -14.68 -9.52
CA GLN A 190 5.37 -14.40 -9.01
C GLN A 190 6.40 -14.70 -10.08
N VAL A 191 7.03 -13.65 -10.58
CA VAL A 191 8.02 -13.72 -11.63
C VAL A 191 9.26 -12.85 -11.30
N GLU A 192 10.40 -13.14 -11.93
CA GLU A 192 11.62 -12.37 -11.70
C GLU A 192 11.29 -10.93 -12.05
N CYS A 193 11.77 -9.97 -11.28
CA CYS A 193 11.48 -8.58 -11.59
C CYS A 193 12.29 -7.58 -10.78
N HIS A 194 13.21 -6.91 -11.46
CA HIS A 194 14.10 -5.94 -10.85
C HIS A 194 14.28 -4.82 -11.88
N PRO A 195 14.92 -3.72 -11.50
CA PRO A 195 15.13 -2.59 -12.43
C PRO A 195 15.74 -2.91 -13.81
N TYR A 196 16.58 -3.95 -13.89
CA TYR A 196 17.19 -4.35 -15.17
C TYR A 196 16.24 -5.26 -15.97
N PHE A 197 15.04 -5.47 -15.44
CA PHE A 197 14.03 -6.30 -16.08
C PHE A 197 12.71 -6.02 -15.36
N ASN A 198 12.20 -4.79 -15.49
CA ASN A 198 10.96 -4.41 -14.84
C ASN A 198 9.80 -4.73 -15.75
N GLN A 199 9.42 -5.99 -15.80
CA GLN A 199 8.33 -6.47 -16.66
C GLN A 199 7.10 -5.58 -16.76
N ARG A 200 7.26 -4.38 -17.31
CA ARG A 200 6.15 -3.44 -17.44
C ARG A 200 5.00 -4.12 -18.18
N LYS A 201 5.30 -4.61 -19.39
CA LYS A 201 4.31 -5.27 -20.21
C LYS A 201 3.45 -6.26 -19.39
N LEU A 202 4.10 -7.21 -18.71
CA LEU A 202 3.38 -8.20 -17.92
C LEU A 202 2.66 -7.55 -16.75
N LEU A 203 3.38 -6.70 -16.01
CA LEU A 203 2.80 -6.00 -14.87
C LEU A 203 1.49 -5.34 -15.22
N ASP A 204 1.52 -4.53 -16.29
CA ASP A 204 0.32 -3.85 -16.76
C ASP A 204 -0.78 -4.86 -17.01
N PHE A 205 -0.44 -5.93 -17.72
CA PHE A 205 -1.43 -6.94 -18.00
C PHE A 205 -2.05 -7.38 -16.69
N CYS A 206 -1.20 -7.81 -15.76
CA CYS A 206 -1.64 -8.28 -14.46
C CYS A 206 -2.54 -7.25 -13.79
N LYS A 207 -2.06 -6.02 -13.72
CA LYS A 207 -2.83 -4.96 -13.10
C LYS A 207 -4.23 -4.92 -13.70
N SER A 208 -4.31 -5.00 -15.02
CA SER A 208 -5.60 -4.97 -15.72
C SER A 208 -6.52 -6.13 -15.38
N LYS A 209 -6.01 -7.16 -14.70
CA LYS A 209 -6.85 -8.30 -14.34
C LYS A 209 -6.88 -8.46 -12.82
N ASP A 210 -6.31 -7.47 -12.13
CA ASP A 210 -6.24 -7.44 -10.67
C ASP A 210 -5.44 -8.62 -10.12
N ILE A 211 -4.38 -8.95 -10.83
CA ILE A 211 -3.51 -10.03 -10.44
C ILE A 211 -2.27 -9.33 -9.91
N VAL A 212 -1.90 -9.57 -8.66
CA VAL A 212 -0.72 -8.94 -8.10
C VAL A 212 0.52 -9.63 -8.62
N LEU A 213 1.53 -8.84 -8.98
CA LEU A 213 2.79 -9.40 -9.48
C LEU A 213 3.81 -9.41 -8.36
N VAL A 214 4.24 -10.60 -7.94
CA VAL A 214 5.23 -10.71 -6.87
C VAL A 214 6.60 -10.92 -7.50
N ALA A 215 7.48 -9.95 -7.31
CA ALA A 215 8.83 -10.01 -7.87
C ALA A 215 9.81 -10.81 -7.04
N TYR A 216 10.63 -11.60 -7.75
CA TYR A 216 11.68 -12.38 -7.12
C TYR A 216 12.99 -12.07 -7.84
N SER A 217 14.13 -12.30 -7.17
CA SER A 217 15.44 -11.97 -7.73
C SER A 217 15.41 -10.47 -7.89
N ALA A 218 14.59 -9.84 -7.06
CA ALA A 218 14.41 -8.39 -7.07
C ALA A 218 15.69 -7.64 -6.74
N LEU A 219 16.68 -8.35 -6.21
CA LEU A 219 17.95 -7.73 -5.86
C LEU A 219 19.07 -8.28 -6.72
N GLY A 220 18.71 -8.87 -7.85
CA GLY A 220 19.71 -9.44 -8.76
C GLY A 220 19.91 -10.94 -8.65
N SER A 221 19.20 -11.58 -7.72
CA SER A 221 19.26 -13.02 -7.48
C SER A 221 20.51 -13.54 -6.77
N HIS A 222 20.47 -14.82 -6.39
CA HIS A 222 21.57 -15.48 -5.70
C HIS A 222 22.71 -15.73 -6.66
N ARG A 223 22.41 -15.71 -7.94
CA ARG A 223 23.41 -15.92 -8.95
C ARG A 223 24.13 -17.26 -8.78
N GLU A 224 23.40 -18.32 -8.42
CA GLU A 224 24.02 -19.63 -8.24
C GLU A 224 24.55 -20.12 -9.59
N GLU A 225 25.83 -20.49 -9.62
CA GLU A 225 26.53 -20.91 -10.82
C GLU A 225 25.78 -21.67 -11.91
N PRO A 226 25.22 -22.85 -11.60
CA PRO A 226 24.53 -23.52 -12.71
C PRO A 226 23.32 -22.74 -13.25
N TRP A 227 22.51 -22.21 -12.33
CA TRP A 227 21.29 -21.49 -12.67
C TRP A 227 21.40 -20.08 -13.24
N VAL A 228 22.38 -19.31 -12.80
CA VAL A 228 22.53 -17.95 -13.30
C VAL A 228 23.87 -17.69 -13.98
N ASP A 229 23.80 -17.11 -15.17
CA ASP A 229 25.00 -16.81 -15.95
C ASP A 229 25.92 -15.82 -15.25
N PRO A 230 27.12 -16.26 -14.85
CA PRO A 230 28.08 -15.39 -14.16
C PRO A 230 28.43 -14.11 -14.91
N ASN A 231 28.31 -14.13 -16.23
CA ASN A 231 28.62 -12.96 -17.01
C ASN A 231 27.56 -11.87 -16.93
N SER A 232 26.39 -12.19 -16.38
CA SER A 232 25.32 -11.20 -16.27
C SER A 232 25.78 -10.08 -15.35
N PRO A 233 25.32 -8.85 -15.60
CA PRO A 233 25.73 -7.73 -14.76
C PRO A 233 25.23 -7.85 -13.31
N VAL A 234 26.06 -7.44 -12.36
CA VAL A 234 25.67 -7.49 -10.95
C VAL A 234 24.73 -6.31 -10.70
N LEU A 235 23.45 -6.60 -10.52
CA LEU A 235 22.45 -5.56 -10.32
C LEU A 235 22.77 -4.53 -9.24
N LEU A 236 23.07 -5.01 -8.03
CA LEU A 236 23.34 -4.09 -6.93
C LEU A 236 24.59 -3.23 -7.09
N GLU A 237 25.31 -3.44 -8.19
CA GLU A 237 26.50 -2.65 -8.46
C GLU A 237 26.17 -1.54 -9.45
N ASP A 238 24.99 -1.61 -10.03
CA ASP A 238 24.56 -0.60 -10.99
C ASP A 238 24.88 0.81 -10.47
N PRO A 239 25.39 1.69 -11.35
CA PRO A 239 25.74 3.07 -11.03
C PRO A 239 24.60 3.93 -10.48
N VAL A 240 23.52 4.06 -11.24
CA VAL A 240 22.42 4.91 -10.79
C VAL A 240 21.69 4.39 -9.56
N LEU A 241 21.80 3.09 -9.27
CA LEU A 241 21.13 2.55 -8.08
C LEU A 241 21.98 2.88 -6.86
N CYS A 242 23.30 2.92 -7.03
CA CYS A 242 24.16 3.22 -5.91
C CYS A 242 24.15 4.74 -5.64
N ALA A 243 23.98 5.51 -6.71
CA ALA A 243 23.94 6.96 -6.57
C ALA A 243 22.71 7.32 -5.75
N LEU A 244 21.55 6.88 -6.21
CA LEU A 244 20.28 7.13 -5.52
C LEU A 244 20.36 6.61 -4.09
N ALA A 245 21.10 5.53 -3.89
CA ALA A 245 21.25 4.96 -2.56
C ALA A 245 21.84 6.03 -1.68
N LYS A 246 22.89 6.68 -2.17
CA LYS A 246 23.55 7.72 -1.44
C LYS A 246 22.67 8.94 -1.18
N LYS A 247 22.11 9.50 -2.23
CA LYS A 247 21.28 10.67 -2.06
C LYS A 247 20.27 10.45 -0.94
N HIS A 248 19.73 9.24 -0.87
CA HIS A 248 18.73 8.92 0.13
C HIS A 248 19.30 8.41 1.44
N LYS A 249 20.60 8.18 1.49
CA LYS A 249 21.23 7.66 2.71
C LYS A 249 20.61 6.31 3.05
N ARG A 250 20.53 5.46 2.04
CA ARG A 250 19.99 4.11 2.17
C ARG A 250 20.97 3.20 1.41
N THR A 251 20.47 2.21 0.69
CA THR A 251 21.36 1.33 -0.04
C THR A 251 20.79 0.99 -1.41
N PRO A 252 21.64 0.55 -2.36
CA PRO A 252 21.13 0.22 -3.69
C PRO A 252 20.05 -0.85 -3.62
N ALA A 253 20.24 -1.82 -2.71
CA ALA A 253 19.27 -2.87 -2.53
C ALA A 253 17.92 -2.30 -2.09
N LEU A 254 17.95 -1.37 -1.14
CA LEU A 254 16.72 -0.77 -0.64
C LEU A 254 16.00 0.01 -1.71
N ILE A 255 16.73 0.50 -2.70
CA ILE A 255 16.09 1.26 -3.74
C ILE A 255 15.47 0.31 -4.75
N ALA A 256 16.09 -0.85 -4.94
CA ALA A 256 15.57 -1.85 -5.86
C ALA A 256 14.26 -2.35 -5.28
N LEU A 257 14.25 -2.49 -3.96
CA LEU A 257 13.06 -2.94 -3.24
C LEU A 257 11.99 -1.85 -3.27
N ARG A 258 12.34 -0.64 -2.85
CA ARG A 258 11.39 0.47 -2.83
C ARG A 258 10.85 0.79 -4.22
N TYR A 259 11.68 0.60 -5.24
CA TYR A 259 11.25 0.84 -6.63
C TYR A 259 10.03 -0.03 -6.92
N GLN A 260 10.21 -1.31 -6.67
CA GLN A 260 9.17 -2.29 -6.88
C GLN A 260 7.89 -1.92 -6.14
N LEU A 261 8.02 -1.63 -4.86
CA LEU A 261 6.87 -1.28 -4.02
C LEU A 261 5.99 -0.20 -4.65
N GLN A 262 6.59 0.94 -4.99
CA GLN A 262 5.84 2.05 -5.58
C GLN A 262 5.25 1.73 -6.95
N ARG A 263 5.78 0.69 -7.60
CA ARG A 263 5.28 0.25 -8.91
C ARG A 263 3.97 -0.51 -8.76
N GLY A 264 3.61 -0.81 -7.51
CA GLY A 264 2.38 -1.52 -7.25
C GLY A 264 2.68 -3.00 -7.15
N VAL A 265 3.96 -3.31 -7.03
CA VAL A 265 4.41 -4.69 -6.93
C VAL A 265 4.70 -5.14 -5.49
N VAL A 266 4.66 -6.43 -5.25
CA VAL A 266 4.97 -6.99 -3.93
C VAL A 266 6.36 -7.62 -4.11
N VAL A 267 7.32 -7.22 -3.27
CA VAL A 267 8.69 -7.72 -3.39
C VAL A 267 9.17 -8.71 -2.36
N LEU A 268 10.03 -9.62 -2.82
CA LEU A 268 10.63 -10.64 -1.97
C LEU A 268 12.13 -10.34 -1.92
N ALA A 269 12.69 -10.37 -0.72
CA ALA A 269 14.12 -10.13 -0.52
C ALA A 269 14.64 -11.22 0.38
N LYS A 270 15.51 -12.07 -0.15
CA LYS A 270 16.08 -13.15 0.64
C LYS A 270 17.44 -12.76 1.20
N SER A 271 17.63 -13.05 2.48
CA SER A 271 18.88 -12.74 3.15
C SER A 271 19.00 -13.56 4.43
N TYR A 272 20.15 -14.18 4.63
CA TYR A 272 20.38 -14.96 5.83
C TYR A 272 21.22 -14.13 6.79
N ASN A 273 21.85 -13.08 6.27
CA ASN A 273 22.66 -12.19 7.11
C ASN A 273 21.70 -11.36 7.95
N GLU A 274 21.82 -11.44 9.27
CA GLU A 274 20.94 -10.68 10.14
C GLU A 274 20.91 -9.18 9.82
N GLN A 275 22.08 -8.55 9.85
CA GLN A 275 22.20 -7.12 9.57
C GLN A 275 21.39 -6.72 8.34
N ARG A 276 21.53 -7.49 7.27
CA ARG A 276 20.83 -7.23 6.00
C ARG A 276 19.33 -7.50 6.08
N ILE A 277 18.98 -8.59 6.76
CA ILE A 277 17.57 -8.95 6.92
C ILE A 277 16.85 -7.77 7.52
N ARG A 278 17.39 -7.27 8.62
CA ARG A 278 16.81 -6.13 9.32
C ARG A 278 16.85 -4.89 8.45
N GLN A 279 17.87 -4.77 7.63
CA GLN A 279 17.99 -3.61 6.76
C GLN A 279 16.91 -3.55 5.69
N ASN A 280 16.54 -4.69 5.12
CA ASN A 280 15.51 -4.72 4.08
C ASN A 280 14.16 -4.17 4.53
N VAL A 281 13.84 -4.32 5.82
CA VAL A 281 12.56 -3.85 6.38
C VAL A 281 12.48 -2.32 6.33
N GLN A 282 13.52 -1.69 5.80
CA GLN A 282 13.56 -0.24 5.72
C GLN A 282 12.87 0.37 4.52
N VAL A 283 12.44 -0.46 3.57
CA VAL A 283 11.75 0.05 2.38
C VAL A 283 10.63 0.97 2.77
N PHE A 284 10.07 0.72 3.95
CA PHE A 284 8.95 1.50 4.47
C PHE A 284 9.41 2.83 5.10
N GLU A 285 10.72 3.00 5.26
CA GLU A 285 11.24 4.21 5.88
C GLU A 285 11.40 5.45 4.99
N PHE A 286 11.41 5.26 3.68
CA PHE A 286 11.57 6.41 2.80
C PHE A 286 10.75 6.29 1.52
N GLN A 287 10.83 7.33 0.69
CA GLN A 287 10.09 7.35 -0.58
C GLN A 287 10.93 7.87 -1.75
N LEU A 288 10.50 7.54 -2.95
CA LEU A 288 11.17 7.95 -4.17
C LEU A 288 10.31 8.96 -4.93
N THR A 289 10.95 9.98 -5.49
CA THR A 289 10.24 11.01 -6.24
C THR A 289 10.17 10.64 -7.70
N SER A 290 9.14 11.16 -8.37
CA SER A 290 8.89 10.92 -9.78
C SER A 290 10.13 10.88 -10.66
N GLU A 291 11.09 11.76 -10.42
CA GLU A 291 12.31 11.80 -11.21
C GLU A 291 13.10 10.51 -11.02
N GLU A 292 13.15 10.04 -9.79
CA GLU A 292 13.85 8.80 -9.44
C GLU A 292 13.00 7.63 -9.96
N MET A 293 11.69 7.72 -9.72
CA MET A 293 10.72 6.73 -10.15
C MET A 293 11.09 6.44 -11.62
N LYS A 294 11.20 7.49 -12.42
CA LYS A 294 11.54 7.38 -13.85
C LYS A 294 13.00 6.97 -14.08
N ALA A 295 13.89 7.45 -13.23
CA ALA A 295 15.30 7.13 -13.36
C ALA A 295 15.51 5.62 -13.36
N ILE A 296 14.85 4.93 -12.44
CA ILE A 296 14.97 3.48 -12.33
C ILE A 296 14.26 2.79 -13.49
N ASP A 297 13.19 3.41 -14.01
CA ASP A 297 12.47 2.82 -15.14
C ASP A 297 13.44 2.76 -16.31
N GLY A 298 14.33 3.74 -16.35
CA GLY A 298 15.31 3.82 -17.42
C GLY A 298 16.38 2.75 -17.42
N LEU A 299 16.58 2.08 -16.30
CA LEU A 299 17.61 1.03 -16.23
C LEU A 299 17.20 -0.26 -16.95
N ASN A 300 15.99 -0.30 -17.49
CA ASN A 300 15.52 -1.49 -18.17
C ASN A 300 16.46 -2.04 -19.26
N ARG A 301 16.61 -3.35 -19.26
CA ARG A 301 17.44 -4.06 -20.22
C ARG A 301 16.76 -5.41 -20.37
N ASN A 302 17.30 -6.29 -21.19
CA ASN A 302 16.65 -7.58 -21.31
C ASN A 302 17.46 -8.58 -20.53
N VAL A 303 17.86 -8.20 -19.32
CA VAL A 303 18.66 -9.06 -18.47
C VAL A 303 17.86 -9.96 -17.53
N ARG A 304 17.51 -11.15 -18.04
CA ARG A 304 16.76 -12.13 -17.28
C ARG A 304 17.77 -13.07 -16.61
N TYR A 305 17.82 -13.04 -15.28
CA TYR A 305 18.75 -13.87 -14.54
C TYR A 305 18.44 -15.37 -14.58
N LEU A 306 17.23 -15.75 -14.21
CA LEU A 306 16.82 -17.15 -14.20
C LEU A 306 16.02 -17.50 -15.44
N THR A 307 16.65 -18.23 -16.36
CA THR A 307 15.99 -18.63 -17.60
C THR A 307 15.52 -20.07 -17.50
N LEU A 308 15.97 -20.77 -16.47
CA LEU A 308 15.58 -22.16 -16.27
C LEU A 308 15.41 -22.84 -17.64
N ASP A 309 16.38 -22.65 -18.53
CA ASP A 309 16.25 -23.26 -19.86
C ASP A 309 16.40 -24.78 -19.90
N ILE A 310 16.74 -25.41 -18.76
CA ILE A 310 16.85 -26.87 -18.76
C ILE A 310 15.45 -27.42 -18.97
N PHE A 311 14.46 -26.53 -18.98
CA PHE A 311 13.08 -26.93 -19.20
C PHE A 311 12.62 -26.31 -20.52
N ALA A 312 13.58 -25.87 -21.32
CA ALA A 312 13.31 -25.21 -22.59
C ALA A 312 12.44 -25.95 -23.61
N GLY A 313 12.47 -27.27 -23.58
CA GLY A 313 11.71 -28.02 -24.56
C GLY A 313 10.23 -27.76 -24.83
N PRO A 314 9.34 -28.31 -23.98
CA PRO A 314 7.88 -28.25 -24.00
C PRO A 314 7.27 -26.94 -24.47
N PRO A 315 6.00 -26.99 -24.93
CA PRO A 315 5.28 -25.80 -25.41
C PRO A 315 4.89 -24.83 -24.28
N ASN A 316 5.13 -25.23 -23.03
CA ASN A 316 4.80 -24.39 -21.89
C ASN A 316 5.98 -23.63 -21.31
N TYR A 317 7.17 -23.79 -21.89
CA TYR A 317 8.30 -23.05 -21.40
C TYR A 317 7.81 -21.62 -21.52
N PRO A 318 7.75 -20.90 -20.39
CA PRO A 318 7.29 -19.52 -20.28
C PRO A 318 8.09 -18.36 -20.89
N PHE A 319 9.42 -18.46 -20.86
CA PHE A 319 10.25 -17.35 -21.29
C PHE A 319 10.71 -17.11 -22.74
N SER A 320 9.79 -17.07 -23.69
CA SER A 320 10.20 -16.78 -25.05
C SER A 320 9.11 -16.06 -25.79
N ASP A 321 8.41 -15.18 -25.09
CA ASP A 321 7.29 -14.44 -25.67
C ASP A 321 7.30 -12.91 -25.47
N GLU A 322 6.83 -12.43 -24.31
CA GLU A 322 6.80 -10.99 -24.08
C GLU A 322 8.15 -10.37 -24.35
N SER B 3 -10.33 -8.20 10.38
CA SER B 3 -9.92 -6.87 9.84
C SER B 3 -9.04 -7.00 8.59
N LYS B 4 -7.84 -6.42 8.64
CA LYS B 4 -6.88 -6.42 7.52
C LYS B 4 -7.31 -5.41 6.45
N TYR B 5 -6.66 -4.27 6.45
CA TYR B 5 -6.96 -3.22 5.49
C TYR B 5 -5.66 -2.56 5.09
N GLN B 6 -5.66 -1.89 3.93
CA GLN B 6 -4.42 -1.25 3.46
C GLN B 6 -4.01 -0.01 4.25
N CYS B 7 -2.83 -0.07 4.84
CA CYS B 7 -2.28 1.02 5.62
C CYS B 7 -0.90 1.41 5.07
N VAL B 8 -0.39 2.54 5.51
CA VAL B 8 0.94 3.00 5.08
C VAL B 8 1.68 3.37 6.37
N LYS B 9 2.97 3.05 6.46
CA LYS B 9 3.71 3.39 7.67
C LYS B 9 4.08 4.87 7.68
N LEU B 10 3.57 5.60 8.66
CA LEU B 10 3.86 7.03 8.80
C LEU B 10 5.29 7.20 9.35
N ASN B 11 5.89 8.36 9.13
CA ASN B 11 7.27 8.58 9.60
C ASN B 11 7.49 8.51 11.12
N ASP B 12 6.43 8.27 11.88
CA ASP B 12 6.56 8.21 13.32
C ASP B 12 6.26 6.81 13.84
N GLY B 13 6.26 5.84 12.93
CA GLY B 13 6.00 4.47 13.33
C GLY B 13 4.56 4.02 13.25
N HIS B 14 3.63 4.97 13.28
CA HIS B 14 2.22 4.61 13.21
C HIS B 14 1.74 4.25 11.80
N PHE B 15 0.54 3.70 11.72
CA PHE B 15 -0.01 3.28 10.45
C PHE B 15 -1.34 3.93 10.14
N MET B 16 -1.44 4.44 8.92
CA MET B 16 -2.64 5.12 8.44
C MET B 16 -3.26 4.39 7.26
N PRO B 17 -4.58 4.15 7.30
CA PRO B 17 -5.26 3.46 6.21
C PRO B 17 -5.21 4.40 5.00
N VAL B 18 -5.03 3.84 3.81
CA VAL B 18 -4.92 4.65 2.59
C VAL B 18 -6.19 5.29 2.05
N LEU B 19 -7.35 4.77 2.48
CA LEU B 19 -8.65 5.29 2.07
C LEU B 19 -9.36 5.86 3.29
N GLY B 20 -9.48 7.17 3.35
CA GLY B 20 -10.13 7.80 4.48
C GLY B 20 -11.47 8.39 4.14
N PHE B 21 -12.37 8.37 5.13
CA PHE B 21 -13.72 8.90 4.94
C PHE B 21 -13.93 10.32 5.47
N GLY B 22 -14.25 11.24 4.55
CA GLY B 22 -14.48 12.63 4.92
C GLY B 22 -15.88 12.80 5.51
N THR B 23 -16.01 13.66 6.51
CA THR B 23 -17.30 13.85 7.17
C THR B 23 -17.91 15.23 7.13
N TYR B 24 -17.29 16.17 6.41
CA TYR B 24 -17.85 17.51 6.34
C TYR B 24 -19.03 17.59 5.38
N ALA B 25 -20.00 18.43 5.71
CA ALA B 25 -21.18 18.65 4.87
C ALA B 25 -21.72 20.05 5.17
N PRO B 26 -22.41 20.66 4.19
CA PRO B 26 -22.97 22.00 4.40
C PRO B 26 -23.96 22.01 5.57
N ALA B 27 -24.22 23.18 6.14
CA ALA B 27 -25.17 23.30 7.25
C ALA B 27 -26.58 22.94 6.79
N GLU B 28 -26.85 23.13 5.51
CA GLU B 28 -28.16 22.80 4.93
C GLU B 28 -28.52 21.35 5.27
N VAL B 29 -27.50 20.58 5.67
CA VAL B 29 -27.67 19.19 6.02
C VAL B 29 -27.66 19.06 7.54
N PRO B 30 -28.63 18.34 8.11
CA PRO B 30 -28.70 18.15 9.56
C PRO B 30 -27.53 17.30 10.04
N LYS B 31 -27.04 17.55 11.23
CA LYS B 31 -25.90 16.78 11.76
C LYS B 31 -26.20 15.29 11.93
N SER B 32 -27.46 14.95 12.23
CA SER B 32 -27.82 13.55 12.40
C SER B 32 -27.25 12.76 11.23
N LYS B 33 -27.34 13.33 10.03
CA LYS B 33 -26.84 12.69 8.82
C LYS B 33 -25.38 12.26 8.94
N ALA B 34 -24.58 13.00 9.69
CA ALA B 34 -23.17 12.66 9.86
C ALA B 34 -23.03 11.40 10.69
N LEU B 35 -23.88 11.25 11.71
CA LEU B 35 -23.85 10.06 12.57
C LEU B 35 -24.19 8.80 11.80
N GLU B 36 -25.31 8.84 11.06
CA GLU B 36 -25.71 7.68 10.29
C GLU B 36 -24.70 7.38 9.18
N ALA B 37 -24.14 8.43 8.59
CA ALA B 37 -23.18 8.26 7.51
C ALA B 37 -21.92 7.52 7.95
N VAL B 38 -21.33 7.96 9.06
CA VAL B 38 -20.12 7.33 9.58
C VAL B 38 -20.31 5.84 9.84
N LYS B 39 -21.44 5.49 10.43
CA LYS B 39 -21.71 4.08 10.69
C LYS B 39 -21.64 3.33 9.37
N LEU B 40 -22.35 3.81 8.37
CA LEU B 40 -22.33 3.16 7.06
C LEU B 40 -20.92 3.01 6.53
N ALA B 41 -20.09 4.02 6.80
CA ALA B 41 -18.72 4.01 6.35
C ALA B 41 -17.96 2.89 7.04
N ILE B 42 -18.01 2.85 8.38
CA ILE B 42 -17.33 1.79 9.14
C ILE B 42 -17.69 0.45 8.50
N GLU B 43 -18.99 0.18 8.39
CA GLU B 43 -19.50 -1.06 7.82
C GLU B 43 -18.95 -1.36 6.44
N ALA B 44 -18.94 -0.36 5.57
CA ALA B 44 -18.45 -0.52 4.20
C ALA B 44 -16.97 -0.95 4.11
N GLY B 45 -16.17 -0.61 5.12
CA GLY B 45 -14.76 -0.96 5.08
C GLY B 45 -13.81 0.16 5.46
N PHE B 46 -14.34 1.38 5.57
CA PHE B 46 -13.53 2.53 5.95
C PHE B 46 -13.01 2.36 7.37
N HIS B 47 -11.70 2.49 7.54
CA HIS B 47 -11.08 2.36 8.84
C HIS B 47 -10.44 3.68 9.23
N HIS B 48 -10.50 4.62 8.30
CA HIS B 48 -9.92 5.94 8.48
C HIS B 48 -11.05 6.98 8.36
N ILE B 49 -11.21 7.78 9.40
CA ILE B 49 -12.24 8.81 9.41
C ILE B 49 -11.60 10.17 9.65
N ASP B 50 -11.94 11.13 8.79
CA ASP B 50 -11.40 12.48 8.87
C ASP B 50 -12.49 13.49 9.21
N SER B 51 -12.28 14.24 10.27
CA SER B 51 -13.22 15.24 10.70
C SER B 51 -12.40 16.41 11.22
N ALA B 52 -13.07 17.34 11.88
CA ALA B 52 -12.40 18.51 12.40
C ALA B 52 -13.30 19.20 13.42
N HIS B 53 -12.78 20.24 14.05
CA HIS B 53 -13.54 21.01 15.01
C HIS B 53 -14.46 21.93 14.21
N VAL B 54 -13.91 22.62 13.20
CA VAL B 54 -14.68 23.54 12.38
C VAL B 54 -15.85 22.85 11.70
N TYR B 55 -15.76 21.54 11.55
CA TYR B 55 -16.83 20.80 10.90
C TYR B 55 -18.05 20.77 11.78
N ASN B 56 -17.84 21.09 13.04
CA ASN B 56 -18.94 21.12 13.97
C ASN B 56 -19.76 19.83 13.84
N ASN B 57 -19.09 18.68 13.89
CA ASN B 57 -19.82 17.42 13.77
C ASN B 57 -19.14 16.30 14.56
N GLU B 58 -18.10 16.65 15.31
CA GLU B 58 -17.38 15.66 16.12
C GLU B 58 -18.29 14.92 17.09
N GLU B 59 -19.31 15.60 17.59
CA GLU B 59 -20.25 14.97 18.52
C GLU B 59 -20.88 13.75 17.85
N GLN B 60 -21.46 13.94 16.67
CA GLN B 60 -22.07 12.84 15.92
C GLN B 60 -21.04 11.84 15.48
N VAL B 61 -20.00 12.31 14.79
CA VAL B 61 -18.94 11.44 14.29
C VAL B 61 -18.35 10.56 15.38
N GLY B 62 -18.17 11.12 16.58
CA GLY B 62 -17.64 10.34 17.68
C GLY B 62 -18.66 9.32 18.15
N LEU B 63 -19.89 9.81 18.35
CA LEU B 63 -21.00 8.97 18.79
C LEU B 63 -21.10 7.76 17.88
N ALA B 64 -20.81 7.97 16.60
CA ALA B 64 -20.85 6.88 15.62
C ALA B 64 -19.73 5.89 15.91
N ILE B 65 -18.49 6.30 15.69
CA ILE B 65 -17.36 5.40 15.90
C ILE B 65 -17.42 4.76 17.27
N ARG B 66 -17.97 5.48 18.24
CA ARG B 66 -18.06 4.93 19.59
C ARG B 66 -19.14 3.87 19.62
N SER B 67 -20.22 4.09 18.87
CA SER B 67 -21.33 3.16 18.78
C SER B 67 -20.95 1.85 18.09
N LYS B 68 -20.06 1.93 17.11
CA LYS B 68 -19.60 0.76 16.37
C LYS B 68 -18.55 -0.03 17.15
N ILE B 69 -18.00 0.57 18.20
CA ILE B 69 -17.02 -0.14 19.01
C ILE B 69 -17.84 -0.90 20.02
N ALA B 70 -18.90 -0.27 20.50
CA ALA B 70 -19.81 -0.89 21.46
C ALA B 70 -20.51 -2.07 20.77
N ASP B 71 -20.84 -1.87 19.50
CA ASP B 71 -21.48 -2.88 18.64
C ASP B 71 -20.71 -4.19 18.67
N GLY B 72 -19.39 -4.05 18.53
CA GLY B 72 -18.49 -5.19 18.48
C GLY B 72 -18.11 -5.32 17.01
N SER B 73 -18.49 -4.30 16.26
CA SER B 73 -18.25 -4.22 14.82
C SER B 73 -16.80 -3.86 14.50
N VAL B 74 -16.15 -3.18 15.44
CA VAL B 74 -14.76 -2.76 15.29
C VAL B 74 -14.14 -2.43 16.64
N LYS B 75 -12.81 -2.44 16.68
CA LYS B 75 -12.07 -2.13 17.88
C LYS B 75 -11.43 -0.74 17.68
N ARG B 76 -11.16 -0.02 18.76
CA ARG B 76 -10.56 1.31 18.60
C ARG B 76 -9.27 1.31 17.76
N GLU B 77 -8.48 0.26 17.90
CA GLU B 77 -7.22 0.13 17.18
C GLU B 77 -7.40 -0.12 15.68
N ASP B 78 -8.66 -0.17 15.24
CA ASP B 78 -8.95 -0.38 13.83
C ASP B 78 -9.66 0.83 13.23
N ILE B 79 -9.83 1.85 14.06
CA ILE B 79 -10.45 3.10 13.62
C ILE B 79 -9.32 4.16 13.70
N PHE B 80 -9.03 4.80 12.58
CA PHE B 80 -7.99 5.83 12.54
C PHE B 80 -8.70 7.15 12.35
N TYR B 81 -8.96 7.83 13.47
CA TYR B 81 -9.68 9.09 13.47
C TYR B 81 -8.76 10.30 13.50
N THR B 82 -9.05 11.23 12.60
CA THR B 82 -8.28 12.45 12.48
C THR B 82 -9.09 13.65 12.90
N SER B 83 -8.45 14.57 13.60
CA SER B 83 -9.11 15.80 13.97
C SER B 83 -8.14 16.89 13.56
N LYS B 84 -8.59 18.13 13.52
CA LYS B 84 -7.71 19.22 13.11
C LYS B 84 -7.86 20.45 14.02
N LEU B 85 -6.72 21.01 14.44
CA LEU B 85 -6.69 22.20 15.29
C LEU B 85 -7.12 23.42 14.48
N TRP B 86 -8.14 24.15 14.93
CA TRP B 86 -8.59 25.30 14.16
C TRP B 86 -7.80 26.58 14.42
N SER B 87 -7.73 27.42 13.38
CA SER B 87 -6.97 28.66 13.42
C SER B 87 -7.23 29.65 14.53
N ASN B 88 -8.26 29.43 15.34
CA ASN B 88 -8.51 30.36 16.44
C ASN B 88 -7.88 29.83 17.71
N SER B 89 -6.94 28.89 17.54
CA SER B 89 -6.24 28.29 18.67
C SER B 89 -4.79 27.94 18.36
N HIS B 90 -4.15 28.66 17.46
CA HIS B 90 -2.75 28.39 17.12
C HIS B 90 -1.83 28.77 18.28
N ARG B 91 -2.23 29.75 19.08
CA ARG B 91 -1.40 30.16 20.20
C ARG B 91 -1.06 28.95 21.08
N PRO B 92 0.22 28.81 21.43
CA PRO B 92 0.71 27.71 22.26
C PRO B 92 -0.24 27.21 23.36
N GLU B 93 -0.55 28.07 24.33
CA GLU B 93 -1.43 27.69 25.44
C GLU B 93 -2.86 27.42 25.03
N LEU B 94 -3.10 27.33 23.73
CA LEU B 94 -4.45 27.08 23.26
C LEU B 94 -4.63 25.77 22.52
N VAL B 95 -3.53 25.11 22.19
CA VAL B 95 -3.60 23.86 21.46
C VAL B 95 -4.20 22.77 22.32
N ARG B 96 -3.44 22.26 23.30
CA ARG B 96 -3.93 21.18 24.14
C ARG B 96 -5.40 21.39 24.57
N PRO B 97 -5.75 22.61 25.01
CA PRO B 97 -7.16 22.76 25.40
C PRO B 97 -8.08 22.46 24.24
N ALA B 98 -7.70 22.91 23.05
CA ALA B 98 -8.52 22.68 21.85
C ALA B 98 -8.72 21.18 21.59
N LEU B 99 -7.62 20.46 21.60
CA LEU B 99 -7.67 19.03 21.35
C LEU B 99 -8.49 18.35 22.44
N GLU B 100 -8.37 18.84 23.66
CA GLU B 100 -9.11 18.24 24.77
C GLU B 100 -10.59 18.51 24.58
N ARG B 101 -10.93 19.68 24.06
CA ARG B 101 -12.32 20.02 23.82
C ARG B 101 -12.95 19.07 22.82
N SER B 102 -12.19 18.75 21.77
CA SER B 102 -12.66 17.84 20.72
C SER B 102 -12.82 16.48 21.35
N LEU B 103 -11.76 16.03 22.00
CA LEU B 103 -11.79 14.73 22.63
C LEU B 103 -13.05 14.63 23.46
N LYS B 104 -13.39 15.69 24.19
CA LYS B 104 -14.57 15.66 25.03
C LYS B 104 -15.85 15.54 24.22
N ASN B 105 -15.90 16.21 23.08
CA ASN B 105 -17.09 16.13 22.25
C ASN B 105 -17.16 14.81 21.53
N LEU B 106 -16.01 14.18 21.32
CA LEU B 106 -15.94 12.88 20.64
C LEU B 106 -16.20 11.74 21.61
N GLN B 107 -15.80 11.93 22.86
CA GLN B 107 -15.92 10.92 23.90
C GLN B 107 -14.92 9.82 23.58
N LEU B 108 -13.72 10.24 23.22
CA LEU B 108 -12.60 9.35 22.91
C LEU B 108 -11.43 9.80 23.78
N ASP B 109 -10.49 8.90 24.04
CA ASP B 109 -9.36 9.25 24.88
C ASP B 109 -8.15 9.80 24.12
N TYR B 110 -8.23 9.80 22.79
CA TYR B 110 -7.15 10.31 21.97
C TYR B 110 -7.55 10.28 20.50
N VAL B 111 -6.81 11.01 19.68
CA VAL B 111 -7.04 11.00 18.25
C VAL B 111 -5.84 10.26 17.70
N ASP B 112 -6.02 9.58 16.58
CA ASP B 112 -4.91 8.83 15.98
C ASP B 112 -4.00 9.81 15.23
N LEU B 113 -4.61 10.90 14.76
CA LEU B 113 -3.91 11.96 14.02
C LEU B 113 -4.50 13.33 14.36
N TYR B 114 -3.64 14.32 14.59
CA TYR B 114 -4.11 15.66 14.91
C TYR B 114 -3.35 16.63 14.00
N LEU B 115 -4.07 17.52 13.33
CA LEU B 115 -3.46 18.45 12.40
C LEU B 115 -3.64 19.92 12.70
N ILE B 116 -2.82 20.75 12.07
CA ILE B 116 -2.94 22.20 12.18
C ILE B 116 -3.76 22.41 10.90
N HIS B 117 -5.04 22.66 11.06
CA HIS B 117 -5.92 22.83 9.91
C HIS B 117 -5.50 23.78 8.79
N PHE B 118 -5.21 25.03 9.16
CA PHE B 118 -4.86 26.04 8.17
C PHE B 118 -3.80 26.92 8.80
N PRO B 119 -2.73 27.25 8.04
CA PRO B 119 -1.58 28.07 8.45
C PRO B 119 -1.83 29.49 8.95
N VAL B 120 -2.89 30.16 8.48
CA VAL B 120 -3.14 31.53 8.93
C VAL B 120 -3.98 31.53 10.20
N SER B 121 -3.58 32.33 11.18
CA SER B 121 -4.26 32.39 12.46
C SER B 121 -5.35 33.46 12.53
N VAL B 122 -6.33 33.24 13.41
CA VAL B 122 -7.43 34.18 13.63
C VAL B 122 -7.54 34.42 15.14
N LYS B 123 -8.29 35.43 15.55
CA LYS B 123 -8.43 35.75 16.99
C LYS B 123 -9.05 34.65 17.82
N PRO B 124 -8.42 34.27 18.95
CA PRO B 124 -8.99 33.22 19.79
C PRO B 124 -10.39 33.65 20.25
N GLY B 125 -11.26 32.68 20.47
CA GLY B 125 -12.62 32.96 20.91
C GLY B 125 -13.59 32.01 20.23
N GLU B 126 -14.85 32.00 20.64
CA GLU B 126 -15.80 31.08 20.03
C GLU B 126 -15.94 31.21 18.52
N GLU B 127 -16.27 32.40 18.04
CA GLU B 127 -16.40 32.64 16.60
C GLU B 127 -15.26 31.93 15.87
N VAL B 128 -15.59 30.96 15.03
CA VAL B 128 -14.57 30.23 14.28
C VAL B 128 -13.89 31.10 13.22
N ILE B 129 -14.62 32.10 12.76
CA ILE B 129 -14.09 33.04 11.78
C ILE B 129 -14.54 34.43 12.23
N PRO B 130 -13.80 35.00 13.19
CA PRO B 130 -14.05 36.32 13.79
C PRO B 130 -14.12 37.44 12.76
N LYS B 131 -14.88 38.49 13.08
CA LYS B 131 -14.98 39.61 12.19
C LYS B 131 -15.14 40.95 12.86
N ASP B 132 -14.55 41.95 12.21
CA ASP B 132 -14.58 43.33 12.66
C ASP B 132 -15.97 43.82 12.45
N GLU B 133 -16.33 44.92 13.13
CA GLU B 133 -17.66 45.46 12.95
C GLU B 133 -17.80 45.92 11.49
N ASN B 134 -16.77 45.67 10.68
CA ASN B 134 -16.80 46.06 9.28
C ASN B 134 -16.60 44.90 8.30
N GLY B 135 -17.04 43.71 8.68
CA GLY B 135 -16.92 42.56 7.81
C GLY B 135 -15.51 42.02 7.63
N LYS B 136 -14.55 42.68 8.27
CA LYS B 136 -13.15 42.29 8.21
C LYS B 136 -12.81 41.03 9.00
N ILE B 137 -11.96 40.18 8.44
CA ILE B 137 -11.55 39.00 9.19
C ILE B 137 -10.48 39.41 10.21
N LEU B 138 -10.68 39.06 11.47
CA LEU B 138 -9.74 39.39 12.53
C LEU B 138 -8.62 38.39 12.62
N PHE B 139 -7.57 38.57 11.81
CA PHE B 139 -6.45 37.64 11.84
C PHE B 139 -5.67 37.84 13.14
N ASP B 140 -4.69 36.98 13.39
CA ASP B 140 -3.86 37.07 14.58
C ASP B 140 -2.50 36.62 14.08
N THR B 141 -1.44 36.80 14.88
CA THR B 141 -0.14 36.33 14.42
C THR B 141 0.49 35.43 15.48
N VAL B 142 0.84 34.21 15.07
CA VAL B 142 1.44 33.24 15.98
C VAL B 142 2.56 32.52 15.30
N ASP B 143 3.65 32.32 16.01
CA ASP B 143 4.77 31.59 15.45
C ASP B 143 4.23 30.18 15.29
N LEU B 144 4.00 29.72 14.06
CA LEU B 144 3.48 28.36 13.87
C LEU B 144 4.40 27.33 14.51
N CYS B 145 5.69 27.66 14.59
CA CYS B 145 6.65 26.75 15.23
C CYS B 145 6.27 26.61 16.71
N ALA B 146 5.70 27.66 17.29
CA ALA B 146 5.29 27.63 18.68
C ALA B 146 4.06 26.76 18.72
N THR B 147 3.22 26.91 17.71
CA THR B 147 2.00 26.12 17.62
C THR B 147 2.44 24.68 17.56
N TRP B 148 3.34 24.40 16.62
CA TRP B 148 3.83 23.04 16.41
C TRP B 148 4.53 22.44 17.62
N GLU B 149 5.00 23.29 18.52
CA GLU B 149 5.67 22.81 19.72
C GLU B 149 4.62 22.29 20.70
N ALA B 150 3.44 22.91 20.66
CA ALA B 150 2.36 22.50 21.54
C ALA B 150 1.76 21.20 21.01
N MET B 151 1.77 21.04 19.69
CA MET B 151 1.27 19.84 19.05
C MET B 151 2.15 18.69 19.51
N GLU B 152 3.45 18.93 19.53
CA GLU B 152 4.40 17.92 19.95
C GLU B 152 4.12 17.48 21.38
N LYS B 153 3.79 18.44 22.23
CA LYS B 153 3.50 18.13 23.63
C LYS B 153 2.20 17.36 23.77
N CYS B 154 1.32 17.48 22.77
CA CYS B 154 0.06 16.74 22.81
C CYS B 154 0.38 15.29 22.43
N LYS B 155 1.25 15.13 21.44
CA LYS B 155 1.66 13.80 20.98
C LYS B 155 2.33 13.09 22.15
N ASP B 156 3.15 13.81 22.90
CA ASP B 156 3.79 13.17 24.04
C ASP B 156 2.79 12.88 25.16
N ALA B 157 1.81 13.75 25.35
CA ALA B 157 0.84 13.52 26.42
C ALA B 157 -0.06 12.33 26.07
N GLY B 158 0.11 11.79 24.88
CA GLY B 158 -0.71 10.65 24.49
C GLY B 158 -2.11 10.99 24.04
N LEU B 159 -2.41 12.27 23.91
CA LEU B 159 -3.73 12.68 23.47
C LEU B 159 -3.83 12.57 21.95
N ALA B 160 -2.67 12.57 21.30
CA ALA B 160 -2.61 12.46 19.85
C ALA B 160 -1.53 11.44 19.51
N LYS B 161 -1.88 10.45 18.70
CA LYS B 161 -0.92 9.43 18.34
C LYS B 161 0.09 9.96 17.32
N SER B 162 -0.41 10.76 16.38
CA SER B 162 0.42 11.35 15.33
C SER B 162 -0.06 12.76 15.03
N ILE B 163 0.89 13.65 14.76
CA ILE B 163 0.54 15.03 14.44
C ILE B 163 0.95 15.30 13.00
N GLY B 164 0.42 16.36 12.40
CA GLY B 164 0.75 16.67 11.03
C GLY B 164 0.07 17.95 10.61
N VAL B 165 0.30 18.39 9.39
CA VAL B 165 -0.30 19.64 8.92
C VAL B 165 -1.23 19.48 7.73
N SER B 166 -1.94 20.56 7.43
CA SER B 166 -2.89 20.60 6.32
C SER B 166 -2.84 22.01 5.69
N ASN B 167 -2.90 22.08 4.36
CA ASN B 167 -2.84 23.36 3.66
C ASN B 167 -1.52 24.08 3.82
N PHE B 168 -0.47 23.31 4.10
CA PHE B 168 0.87 23.86 4.23
C PHE B 168 1.51 23.77 2.85
N ASN B 169 2.28 24.78 2.49
CA ASN B 169 2.94 24.76 1.19
C ASN B 169 4.40 24.47 1.46
N HIS B 170 5.20 24.39 0.40
CA HIS B 170 6.63 24.08 0.51
C HIS B 170 7.35 24.90 1.58
N ARG B 171 7.23 26.22 1.50
CA ARG B 171 7.88 27.11 2.47
C ARG B 171 7.49 26.77 3.90
N LEU B 172 6.18 26.68 4.17
CA LEU B 172 5.70 26.37 5.50
C LEU B 172 6.16 25.00 5.97
N LEU B 173 6.05 24.02 5.09
CA LEU B 173 6.46 22.66 5.43
C LEU B 173 7.93 22.70 5.85
N GLU B 174 8.74 23.42 5.10
CA GLU B 174 10.17 23.55 5.38
C GLU B 174 10.41 24.18 6.75
N MET B 175 9.67 25.23 7.04
CA MET B 175 9.79 25.94 8.31
C MET B 175 9.73 24.92 9.44
N ILE B 176 8.67 24.12 9.49
CA ILE B 176 8.54 23.14 10.56
C ILE B 176 9.72 22.18 10.49
N LEU B 177 9.98 21.66 9.30
CA LEU B 177 11.07 20.72 9.16
C LEU B 177 12.39 21.19 9.73
N ASN B 178 12.77 22.45 9.44
CA ASN B 178 14.04 23.00 9.91
C ASN B 178 13.94 23.74 11.24
N LYS B 179 12.88 23.47 12.00
CA LYS B 179 12.71 24.15 13.27
C LYS B 179 13.75 23.70 14.28
N PRO B 180 14.33 24.66 15.01
CA PRO B 180 15.33 24.33 16.02
C PRO B 180 14.70 23.43 17.09
N GLY B 181 15.32 22.27 17.34
CA GLY B 181 14.81 21.36 18.33
C GLY B 181 13.51 20.69 17.95
N LEU B 182 13.29 20.50 16.66
CA LEU B 182 12.08 19.83 16.22
C LEU B 182 12.06 18.47 16.90
N LYS B 183 10.91 18.03 17.38
CA LYS B 183 10.86 16.72 17.99
C LYS B 183 10.12 15.73 17.11
N TYR B 184 9.16 16.22 16.34
CA TYR B 184 8.38 15.36 15.45
C TYR B 184 8.06 16.07 14.14
N LYS B 185 8.58 15.55 13.04
CA LYS B 185 8.27 16.16 11.77
C LYS B 185 6.84 15.77 11.51
N PRO B 186 6.08 16.65 10.84
CA PRO B 186 4.68 16.36 10.55
C PRO B 186 4.59 15.02 9.81
N VAL B 187 3.67 14.17 10.25
CA VAL B 187 3.51 12.86 9.66
C VAL B 187 2.84 12.95 8.29
N CYS B 188 2.15 14.05 8.02
CA CYS B 188 1.48 14.21 6.75
C CYS B 188 1.06 15.65 6.49
N ASN B 189 0.67 15.91 5.25
CA ASN B 189 0.22 17.21 4.83
C ASN B 189 -1.01 16.98 3.96
N GLN B 190 -2.19 17.25 4.53
CA GLN B 190 -3.47 17.06 3.87
C GLN B 190 -3.84 18.28 3.06
N VAL B 191 -3.80 18.13 1.74
CA VAL B 191 -4.08 19.20 0.81
C VAL B 191 -5.04 18.77 -0.31
N GLU B 192 -5.63 19.73 -1.01
CA GLU B 192 -6.53 19.44 -2.13
C GLU B 192 -5.73 18.66 -3.17
N CYS B 193 -6.27 17.58 -3.71
CA CYS B 193 -5.52 16.85 -4.73
C CYS B 193 -6.37 15.87 -5.54
N HIS B 194 -6.53 16.18 -6.81
CA HIS B 194 -7.33 15.38 -7.74
C HIS B 194 -6.64 15.46 -9.10
N PRO B 195 -7.06 14.64 -10.08
CA PRO B 195 -6.45 14.67 -11.40
C PRO B 195 -6.27 16.03 -12.09
N TYR B 196 -7.18 16.96 -11.83
CA TYR B 196 -7.12 18.32 -12.42
C TYR B 196 -6.18 19.22 -11.64
N PHE B 197 -5.56 18.66 -10.60
CA PHE B 197 -4.62 19.38 -9.75
C PHE B 197 -3.88 18.32 -8.94
N ASN B 198 -3.04 17.52 -9.60
CA ASN B 198 -2.29 16.46 -8.93
C ASN B 198 -0.94 16.99 -8.48
N GLN B 199 -0.95 17.77 -7.40
CA GLN B 199 0.25 18.39 -6.86
C GLN B 199 1.56 17.62 -6.89
N ARG B 200 2.01 17.27 -8.09
CA ARG B 200 3.25 16.50 -8.25
C ARG B 200 4.39 17.18 -7.49
N LYS B 201 4.61 18.43 -7.81
CA LYS B 201 5.68 19.19 -7.19
C LYS B 201 5.67 18.98 -5.66
N LEU B 202 4.55 19.28 -5.01
CA LEU B 202 4.44 19.12 -3.56
C LEU B 202 4.55 17.66 -3.14
N LEU B 203 3.82 16.78 -3.82
CA LEU B 203 3.88 15.36 -3.52
C LEU B 203 5.32 14.88 -3.50
N ASP B 204 6.07 15.13 -4.57
CA ASP B 204 7.46 14.72 -4.64
C ASP B 204 8.22 15.23 -3.42
N PHE B 205 8.04 16.52 -3.12
CA PHE B 205 8.71 17.10 -1.98
C PHE B 205 8.39 16.29 -0.73
N CYS B 206 7.10 16.11 -0.48
CA CYS B 206 6.66 15.33 0.67
C CYS B 206 7.32 13.96 0.68
N LYS B 207 7.21 13.25 -0.44
CA LYS B 207 7.81 11.92 -0.53
C LYS B 207 9.26 11.99 -0.11
N SER B 208 9.97 13.00 -0.57
CA SER B 208 11.39 13.12 -0.23
C SER B 208 11.63 13.34 1.25
N LYS B 209 10.60 13.68 2.01
CA LYS B 209 10.79 13.88 3.44
C LYS B 209 10.00 12.84 4.23
N ASP B 210 9.42 11.89 3.51
CA ASP B 210 8.63 10.82 4.10
C ASP B 210 7.41 11.39 4.79
N ILE B 211 6.82 12.38 4.15
CA ILE B 211 5.61 13.00 4.65
C ILE B 211 4.50 12.52 3.73
N VAL B 212 3.51 11.82 4.29
CA VAL B 212 2.42 11.34 3.45
C VAL B 212 1.52 12.51 3.09
N LEU B 213 1.07 12.55 1.83
CA LEU B 213 0.18 13.60 1.36
C LEU B 213 -1.22 13.04 1.30
N VAL B 214 -2.11 13.55 2.13
CA VAL B 214 -3.48 13.08 2.14
C VAL B 214 -4.31 14.05 1.31
N ALA B 215 -4.89 13.53 0.23
CA ALA B 215 -5.69 14.33 -0.69
C ALA B 215 -7.14 14.52 -0.27
N TYR B 216 -7.64 15.72 -0.47
CA TYR B 216 -9.03 16.04 -0.16
C TYR B 216 -9.63 16.70 -1.41
N SER B 217 -10.96 16.69 -1.52
CA SER B 217 -11.63 17.24 -2.70
C SER B 217 -11.08 16.40 -3.84
N ALA B 218 -10.74 15.15 -3.50
CA ALA B 218 -10.20 14.18 -4.45
C ALA B 218 -11.20 13.79 -5.54
N LEU B 219 -12.46 14.14 -5.33
CA LEU B 219 -13.53 13.85 -6.29
C LEU B 219 -14.12 15.14 -6.84
N GLY B 220 -13.39 16.25 -6.70
CA GLY B 220 -13.89 17.52 -7.22
C GLY B 220 -14.51 18.45 -6.18
N SER B 221 -14.61 17.97 -4.94
CA SER B 221 -15.16 18.73 -3.82
C SER B 221 -16.68 18.85 -3.81
N HIS B 222 -17.20 19.33 -2.68
CA HIS B 222 -18.63 19.55 -2.46
C HIS B 222 -19.13 20.71 -3.29
N ARG B 223 -18.20 21.55 -3.72
CA ARG B 223 -18.51 22.71 -4.53
C ARG B 223 -19.52 23.64 -3.86
N GLU B 224 -19.41 23.83 -2.54
CA GLU B 224 -20.36 24.70 -1.82
C GLU B 224 -20.22 26.14 -2.33
N GLU B 225 -21.35 26.70 -2.76
CA GLU B 225 -21.39 28.04 -3.35
C GLU B 225 -20.42 29.11 -2.88
N PRO B 226 -20.45 29.47 -1.59
CA PRO B 226 -19.49 30.51 -1.22
C PRO B 226 -18.03 30.10 -1.37
N TRP B 227 -17.73 28.87 -0.94
CA TRP B 227 -16.36 28.34 -0.96
C TRP B 227 -15.77 27.92 -2.29
N VAL B 228 -16.59 27.36 -3.17
CA VAL B 228 -16.09 26.92 -4.47
C VAL B 228 -16.75 27.64 -5.67
N ASP B 229 -15.91 28.08 -6.60
CA ASP B 229 -16.41 28.78 -7.79
C ASP B 229 -17.22 27.86 -8.71
N PRO B 230 -18.52 28.14 -8.83
CA PRO B 230 -19.43 27.35 -9.67
C PRO B 230 -18.94 27.20 -11.11
N ASN B 231 -18.18 28.17 -11.61
CA ASN B 231 -17.67 28.10 -12.97
C ASN B 231 -16.56 27.09 -13.17
N SER B 232 -16.02 26.56 -12.08
CA SER B 232 -14.94 25.58 -12.19
C SER B 232 -15.50 24.32 -12.85
N PRO B 233 -14.65 23.59 -13.58
CA PRO B 233 -15.14 22.37 -14.23
C PRO B 233 -15.55 21.26 -13.25
N VAL B 234 -16.61 20.53 -13.56
CA VAL B 234 -17.02 19.45 -12.70
C VAL B 234 -16.09 18.28 -12.98
N LEU B 235 -15.22 17.98 -12.02
CA LEU B 235 -14.26 16.90 -12.18
C LEU B 235 -14.84 15.57 -12.63
N LEU B 236 -15.81 15.06 -11.88
CA LEU B 236 -16.39 13.77 -12.21
C LEU B 236 -17.12 13.67 -13.55
N GLU B 237 -17.12 14.77 -14.30
CA GLU B 237 -17.74 14.78 -15.62
C GLU B 237 -16.65 14.73 -16.68
N ASP B 238 -15.40 14.86 -16.25
CA ASP B 238 -14.29 14.82 -17.19
C ASP B 238 -14.43 13.63 -18.15
N PRO B 239 -14.14 13.87 -19.44
CA PRO B 239 -14.22 12.85 -20.49
C PRO B 239 -13.36 11.61 -20.28
N VAL B 240 -12.05 11.79 -20.16
CA VAL B 240 -11.16 10.64 -19.99
C VAL B 240 -11.35 9.88 -18.67
N LEU B 241 -11.93 10.53 -17.66
CA LEU B 241 -12.16 9.84 -16.40
C LEU B 241 -13.40 8.95 -16.53
N CYS B 242 -14.36 9.39 -17.34
CA CYS B 242 -15.57 8.61 -17.53
C CYS B 242 -15.29 7.44 -18.49
N ALA B 243 -14.43 7.69 -19.47
CA ALA B 243 -14.05 6.67 -20.44
C ALA B 243 -13.39 5.49 -19.69
N LEU B 244 -12.33 5.79 -18.96
CA LEU B 244 -11.59 4.80 -18.18
C LEU B 244 -12.54 4.13 -17.20
N ALA B 245 -13.55 4.87 -16.74
CA ALA B 245 -14.52 4.32 -15.82
C ALA B 245 -15.17 3.14 -16.51
N LYS B 246 -15.58 3.37 -17.75
CA LYS B 246 -16.23 2.34 -18.53
C LYS B 246 -15.33 1.15 -18.87
N LYS B 247 -14.18 1.42 -19.46
CA LYS B 247 -13.28 0.33 -19.80
C LYS B 247 -13.10 -0.60 -18.60
N HIS B 248 -13.03 -0.02 -17.41
CA HIS B 248 -12.83 -0.80 -16.19
C HIS B 248 -14.11 -1.30 -15.51
N LYS B 249 -15.26 -0.86 -16.02
CA LYS B 249 -16.55 -1.24 -15.44
C LYS B 249 -16.59 -0.83 -13.98
N ARG B 250 -16.22 0.44 -13.74
CA ARG B 250 -16.21 1.05 -12.42
C ARG B 250 -16.85 2.43 -12.61
N THR B 251 -16.32 3.45 -11.95
CA THR B 251 -16.89 4.78 -12.09
C THR B 251 -15.80 5.85 -12.14
N PRO B 252 -16.12 7.03 -12.68
CA PRO B 252 -15.09 8.08 -12.76
C PRO B 252 -14.55 8.41 -11.38
N ALA B 253 -15.44 8.42 -10.39
CA ALA B 253 -15.03 8.70 -9.02
C ALA B 253 -13.99 7.67 -8.56
N LEU B 254 -14.31 6.39 -8.76
CA LEU B 254 -13.40 5.31 -8.36
C LEU B 254 -12.05 5.41 -9.06
N ILE B 255 -12.02 6.07 -10.21
CA ILE B 255 -10.75 6.19 -10.91
C ILE B 255 -9.96 7.37 -10.36
N ALA B 256 -10.66 8.40 -9.92
CA ALA B 256 -10.00 9.56 -9.33
C ALA B 256 -9.38 9.09 -8.01
N LEU B 257 -10.10 8.19 -7.32
CA LEU B 257 -9.65 7.64 -6.06
C LEU B 257 -8.48 6.70 -6.31
N ARG B 258 -8.67 5.72 -7.18
CA ARG B 258 -7.60 4.76 -7.48
C ARG B 258 -6.36 5.46 -8.02
N TYR B 259 -6.56 6.52 -8.77
CA TYR B 259 -5.44 7.25 -9.33
C TYR B 259 -4.51 7.67 -8.18
N GLN B 260 -5.12 8.33 -7.21
CA GLN B 260 -4.42 8.85 -6.04
C GLN B 260 -3.69 7.72 -5.30
N LEU B 261 -4.39 6.64 -5.03
CA LEU B 261 -3.80 5.53 -4.32
C LEU B 261 -2.46 5.06 -4.92
N GLN B 262 -2.47 4.76 -6.22
CA GLN B 262 -1.27 4.30 -6.89
C GLN B 262 -0.14 5.32 -6.95
N ARG B 263 -0.50 6.61 -6.77
CA ARG B 263 0.49 7.70 -6.79
C ARG B 263 1.27 7.70 -5.48
N GLY B 264 0.77 6.95 -4.51
CA GLY B 264 1.44 6.87 -3.23
C GLY B 264 0.77 7.83 -2.27
N VAL B 265 -0.43 8.25 -2.65
CA VAL B 265 -1.21 9.17 -1.84
C VAL B 265 -2.28 8.45 -1.03
N VAL B 266 -2.77 9.12 0.01
CA VAL B 266 -3.83 8.57 0.84
C VAL B 266 -5.03 9.45 0.52
N VAL B 267 -6.13 8.84 0.07
CA VAL B 267 -7.31 9.61 -0.31
C VAL B 267 -8.49 9.61 0.63
N LEU B 268 -9.20 10.73 0.63
CA LEU B 268 -10.39 10.92 1.44
C LEU B 268 -11.55 11.08 0.48
N ALA B 269 -12.63 10.37 0.75
CA ALA B 269 -13.84 10.43 -0.08
C ALA B 269 -15.04 10.61 0.83
N LYS B 270 -15.70 11.74 0.73
CA LYS B 270 -16.86 11.98 1.56
C LYS B 270 -18.13 11.69 0.80
N SER B 271 -19.06 11.06 1.49
CA SER B 271 -20.32 10.74 0.88
C SER B 271 -21.30 10.34 1.96
N TYR B 272 -22.51 10.89 1.88
CA TYR B 272 -23.54 10.55 2.85
C TYR B 272 -24.49 9.53 2.24
N ASN B 273 -24.46 9.41 0.91
CA ASN B 273 -25.30 8.44 0.21
C ASN B 273 -24.75 7.04 0.47
N GLU B 274 -25.54 6.18 1.10
CA GLU B 274 -25.08 4.83 1.38
C GLU B 274 -24.51 4.13 0.14
N GLN B 275 -25.30 4.07 -0.93
CA GLN B 275 -24.87 3.42 -2.16
C GLN B 275 -23.45 3.82 -2.53
N ARG B 276 -23.22 5.13 -2.55
CA ARG B 276 -21.92 5.67 -2.91
C ARG B 276 -20.84 5.36 -1.88
N ILE B 277 -21.18 5.49 -0.60
CA ILE B 277 -20.23 5.21 0.46
C ILE B 277 -19.66 3.82 0.23
N ARG B 278 -20.54 2.85 0.07
CA ARG B 278 -20.15 1.48 -0.14
C ARG B 278 -19.41 1.31 -1.46
N GLN B 279 -19.73 2.16 -2.43
CA GLN B 279 -19.06 2.07 -3.72
C GLN B 279 -17.60 2.52 -3.69
N ASN B 280 -17.29 3.53 -2.86
CA ASN B 280 -15.94 4.02 -2.77
C ASN B 280 -14.96 2.99 -2.24
N VAL B 281 -15.43 2.07 -1.43
CA VAL B 281 -14.56 1.05 -0.86
C VAL B 281 -14.05 0.10 -1.95
N GLN B 282 -14.45 0.38 -3.19
CA GLN B 282 -14.05 -0.45 -4.31
C GLN B 282 -12.69 -0.14 -4.93
N VAL B 283 -12.04 0.93 -4.49
CA VAL B 283 -10.72 1.28 -5.03
C VAL B 283 -9.79 0.10 -4.95
N PHE B 284 -10.02 -0.73 -3.93
CA PHE B 284 -9.19 -1.91 -3.71
C PHE B 284 -9.51 -3.09 -4.64
N GLU B 285 -10.62 -3.00 -5.37
CA GLU B 285 -11.05 -4.07 -6.26
C GLU B 285 -10.39 -4.17 -7.63
N PHE B 286 -9.76 -3.08 -8.09
CA PHE B 286 -9.11 -3.08 -9.40
C PHE B 286 -7.81 -2.29 -9.42
N GLN B 287 -7.17 -2.27 -10.60
CA GLN B 287 -5.90 -1.56 -10.78
C GLN B 287 -5.83 -0.82 -12.13
N LEU B 288 -4.92 0.16 -12.21
CA LEU B 288 -4.74 0.95 -13.42
C LEU B 288 -3.37 0.66 -14.03
N THR B 289 -3.31 0.57 -15.35
CA THR B 289 -2.06 0.28 -16.05
C THR B 289 -1.32 1.54 -16.40
N SER B 290 0.01 1.44 -16.51
CA SER B 290 0.86 2.58 -16.83
C SER B 290 0.30 3.60 -17.82
N GLU B 291 -0.33 3.11 -18.89
CA GLU B 291 -0.91 3.99 -19.92
C GLU B 291 -2.00 4.85 -19.31
N GLU B 292 -2.81 4.27 -18.43
CA GLU B 292 -3.88 5.01 -17.76
C GLU B 292 -3.26 5.87 -16.66
N MET B 293 -2.29 5.28 -15.95
CA MET B 293 -1.55 5.95 -14.88
C MET B 293 -1.14 7.31 -15.50
N LYS B 294 -0.54 7.25 -16.68
CA LYS B 294 -0.08 8.45 -17.40
C LYS B 294 -1.24 9.27 -17.96
N ALA B 295 -2.28 8.58 -18.38
CA ALA B 295 -3.45 9.25 -18.96
C ALA B 295 -4.01 10.27 -17.98
N ILE B 296 -4.17 9.84 -16.73
CA ILE B 296 -4.71 10.71 -15.69
C ILE B 296 -3.71 11.79 -15.29
N ASP B 297 -2.41 11.52 -15.47
CA ASP B 297 -1.40 12.53 -15.16
C ASP B 297 -1.61 13.68 -16.13
N GLY B 298 -2.00 13.33 -17.36
CA GLY B 298 -2.22 14.31 -18.39
C GLY B 298 -3.35 15.28 -18.15
N LEU B 299 -4.30 14.93 -17.29
CA LEU B 299 -5.44 15.81 -17.03
C LEU B 299 -5.08 17.06 -16.23
N ASN B 300 -3.83 17.13 -15.76
CA ASN B 300 -3.42 18.26 -14.95
C ASN B 300 -3.79 19.63 -15.54
N ARG B 301 -4.21 20.52 -14.66
CA ARG B 301 -4.59 21.88 -15.00
C ARG B 301 -4.32 22.67 -13.72
N ASN B 302 -4.61 23.96 -13.70
CA ASN B 302 -4.36 24.70 -12.47
C ASN B 302 -5.68 25.01 -11.82
N VAL B 303 -6.57 24.00 -11.81
CA VAL B 303 -7.90 24.15 -11.23
C VAL B 303 -7.97 23.81 -9.74
N ARG B 304 -7.69 24.81 -8.91
CA ARG B 304 -7.75 24.66 -7.45
C ARG B 304 -9.17 25.00 -7.00
N TYR B 305 -9.88 24.02 -6.46
CA TYR B 305 -11.25 24.28 -6.02
C TYR B 305 -11.40 25.16 -4.80
N LEU B 306 -10.72 24.82 -3.71
CA LEU B 306 -10.78 25.58 -2.47
C LEU B 306 -9.58 26.48 -2.34
N THR B 307 -9.78 27.78 -2.53
CA THR B 307 -8.70 28.75 -2.43
C THR B 307 -8.76 29.49 -1.10
N LEU B 308 -9.85 29.30 -0.36
CA LEU B 308 -10.01 29.94 0.93
C LEU B 308 -9.36 31.33 0.92
N ASP B 309 -9.60 32.10 -0.14
CA ASP B 309 -9.00 33.41 -0.22
C ASP B 309 -9.54 34.43 0.77
N ILE B 310 -10.54 34.07 1.56
CA ILE B 310 -11.03 35.02 2.55
C ILE B 310 -9.91 35.18 3.57
N PHE B 311 -8.89 34.33 3.47
CA PHE B 311 -7.76 34.41 4.38
C PHE B 311 -6.52 34.88 3.60
N ALA B 312 -6.76 35.44 2.42
CA ALA B 312 -5.69 35.89 1.52
C ALA B 312 -4.64 36.85 2.08
N GLY B 313 -5.04 37.67 3.03
CA GLY B 313 -4.11 38.64 3.58
C GLY B 313 -2.71 38.29 4.07
N PRO B 314 -2.59 37.79 5.31
CA PRO B 314 -1.37 37.40 6.00
C PRO B 314 -0.28 36.75 5.17
N PRO B 315 0.96 36.73 5.70
CA PRO B 315 2.12 36.14 5.03
C PRO B 315 2.12 34.60 5.02
N ASN B 316 1.15 34.00 5.69
CA ASN B 316 1.07 32.55 5.73
C ASN B 316 -0.01 31.98 4.83
N TYR B 317 -0.66 32.83 4.03
CA TYR B 317 -1.67 32.33 3.11
C TYR B 317 -0.83 31.38 2.26
N PRO B 318 -1.17 30.09 2.30
CA PRO B 318 -0.49 29.00 1.58
C PRO B 318 -0.52 28.89 0.07
N PHE B 319 -1.62 29.32 -0.55
CA PHE B 319 -1.79 29.15 -1.99
C PHE B 319 -1.34 30.14 -3.05
N SER B 320 -0.10 30.58 -3.02
CA SER B 320 0.34 31.49 -4.07
C SER B 320 1.81 31.29 -4.37
N ASP B 321 2.27 30.04 -4.29
CA ASP B 321 3.67 29.72 -4.49
C ASP B 321 3.98 28.62 -5.51
N GLU B 322 3.84 27.35 -5.12
CA GLU B 322 4.15 26.27 -6.04
C GLU B 322 3.37 26.44 -7.33
#